data_2V7E
#
_entry.id   2V7E
#
_cell.length_a   74.146
_cell.length_b   98.018
_cell.length_c   206.915
_cell.angle_alpha   90.00
_cell.angle_beta   90.00
_cell.angle_gamma   90.00
#
_symmetry.space_group_name_H-M   'I 2 2 2'
#
loop_
_entity.id
_entity.type
_entity.pdbx_description
1 polymer 'HISTONE-ARGININE METHYLTRANSFERASE CARM1'
2 non-polymer 'MERCURY (II) ION'
3 water water
#
_entity_poly.entity_id   1
_entity_poly.type   'polypeptide(L)'
_entity_poly.pdbx_seq_one_letter_code
;GAAVQYFQFYGYLSQQQNMMQDYVRTGTYQRAILQNHTDFKDKIVLDVGCGSGILSFFAAQAGARKIYAVEASTMAQHAE
VLVKSNNLTDRIVVIPGKVEEVSLPEQVDIIISEPMGYMLFNERMLESYLHAKKYLKPSGNMFPTIGDVHLAPFTDEQLY
MEQFTKANFWYQPSFHGVDLSALRGAAVDEYFRQPVVDTFDIRILMAKSVKYTVNFLEAKEGDLHRIEIPFKFHMLHSGL
VHGLAFWFDVAFIGSIMTVWLSTAPTEPLTHWYQVRCLFQSPLFAKAGDTLSGTCLLIANKRQSYDISIVAQVDQTGSKS
SNLLDLKNPFFRYTGTTPSPPPGSHY
;
_entity_poly.pdbx_strand_id   A,B
#
loop_
_chem_comp.id
_chem_comp.type
_chem_comp.name
_chem_comp.formula
HG non-polymer 'MERCURY (II) ION' 'Hg 2'
#
# COMPACT_ATOMS: atom_id res chain seq x y z
N GLY A 11 -12.82 -1.93 -2.85
CA GLY A 11 -13.54 -2.08 -1.56
C GLY A 11 -13.64 -3.53 -1.10
N TYR A 12 -12.64 -3.98 -0.35
CA TYR A 12 -12.62 -5.34 0.14
C TYR A 12 -13.25 -5.46 1.52
N LEU A 13 -14.11 -6.46 1.69
CA LEU A 13 -14.42 -6.99 3.02
C LEU A 13 -13.03 -7.30 3.54
N SER A 14 -12.74 -7.01 4.79
CA SER A 14 -11.37 -7.17 5.31
C SER A 14 -10.79 -5.82 5.70
N GLN A 15 -10.78 -4.89 4.73
CA GLN A 15 -10.60 -3.48 5.01
C GLN A 15 -11.78 -3.00 5.85
N GLN A 16 -12.98 -3.36 5.40
CA GLN A 16 -14.21 -3.08 6.12
C GLN A 16 -14.19 -3.77 7.50
N GLN A 17 -13.67 -5.00 7.51
CA GLN A 17 -13.54 -5.77 8.74
C GLN A 17 -12.54 -5.11 9.68
N ASN A 18 -11.48 -4.56 9.09
CA ASN A 18 -10.47 -3.84 9.86
C ASN A 18 -11.08 -2.63 10.56
N MET A 19 -11.88 -1.86 9.82
CA MET A 19 -12.57 -0.70 10.37
C MET A 19 -13.44 -1.11 11.56
N MET A 20 -14.20 -2.20 11.38
CA MET A 20 -15.17 -2.66 12.36
C MET A 20 -14.52 -3.14 13.64
N GLN A 21 -13.39 -3.83 13.50
CA GLN A 21 -12.66 -4.40 14.62
C GLN A 21 -12.05 -3.35 15.56
N ASP A 22 -12.00 -2.10 15.09
CA ASP A 22 -11.63 -0.95 15.93
C ASP A 22 -12.80 -0.67 16.86
N TYR A 23 -12.79 -1.29 18.04
CA TYR A 23 -13.94 -1.28 18.94
C TYR A 23 -14.26 0.10 19.52
N VAL A 24 -13.23 0.91 19.72
CA VAL A 24 -13.44 2.29 20.16
C VAL A 24 -14.27 3.03 19.12
N ARG A 25 -13.81 2.98 17.88
CA ARG A 25 -14.50 3.62 16.76
C ARG A 25 -15.95 3.14 16.62
N THR A 26 -16.13 1.82 16.60
CA THR A 26 -17.45 1.22 16.37
C THR A 26 -18.40 1.43 17.57
N GLY A 27 -17.90 1.19 18.78
CA GLY A 27 -18.66 1.41 20.01
C GLY A 27 -19.07 2.86 20.24
N THR A 28 -18.19 3.79 19.90
CA THR A 28 -18.43 5.22 20.07
C THR A 28 -19.46 5.73 19.07
N TYR A 29 -19.39 5.23 17.84
CA TYR A 29 -20.38 5.60 16.83
C TYR A 29 -21.76 5.09 17.19
N GLN A 30 -21.82 3.89 17.76
CA GLN A 30 -23.08 3.35 18.22
C GLN A 30 -23.58 4.14 19.44
N ARG A 31 -22.74 4.29 20.45
CA ARG A 31 -23.05 5.13 21.61
C ARG A 31 -23.66 6.47 21.19
N ALA A 32 -22.98 7.16 20.27
CA ALA A 32 -23.40 8.49 19.80
C ALA A 32 -24.81 8.49 19.23
N ILE A 33 -25.09 7.51 18.39
CA ILE A 33 -26.38 7.39 17.73
C ILE A 33 -27.48 6.94 18.69
N LEU A 34 -27.26 5.82 19.38
CA LEU A 34 -28.28 5.26 20.28
C LEU A 34 -28.63 6.17 21.46
N GLN A 35 -27.62 6.83 22.02
CA GLN A 35 -27.83 7.74 23.16
C GLN A 35 -28.48 9.05 22.73
N ASN A 36 -28.47 9.31 21.42
CA ASN A 36 -29.16 10.45 20.84
C ASN A 36 -30.28 10.00 19.92
N HIS A 37 -31.08 9.05 20.39
CA HIS A 37 -32.12 8.43 19.58
C HIS A 37 -33.22 9.37 19.10
N THR A 38 -33.55 10.38 19.89
CA THR A 38 -34.56 11.38 19.49
C THR A 38 -34.12 12.14 18.25
N ASP A 39 -32.84 12.04 17.91
CA ASP A 39 -32.33 12.60 16.68
C ASP A 39 -32.63 11.70 15.48
N PHE A 40 -32.85 10.41 15.74
CA PHE A 40 -33.07 9.45 14.67
C PHE A 40 -34.51 8.93 14.60
N LYS A 41 -35.16 8.79 15.74
CA LYS A 41 -36.52 8.25 15.82
C LYS A 41 -37.48 8.95 14.85
N ASP A 42 -37.93 8.19 13.85
CA ASP A 42 -38.89 8.64 12.84
C ASP A 42 -38.35 9.77 11.96
N LYS A 43 -37.04 9.80 11.78
CA LYS A 43 -36.38 10.82 10.98
C LYS A 43 -35.77 10.22 9.71
N ILE A 44 -35.45 11.08 8.76
CA ILE A 44 -34.84 10.68 7.50
C ILE A 44 -33.34 10.93 7.58
N VAL A 45 -32.56 9.88 7.34
CA VAL A 45 -31.11 9.89 7.55
C VAL A 45 -30.33 9.68 6.26
N LEU A 46 -29.18 10.34 6.15
CA LEU A 46 -28.24 10.10 5.07
C LEU A 46 -26.94 9.49 5.59
N ASP A 47 -26.63 8.28 5.13
CA ASP A 47 -25.34 7.64 5.43
C ASP A 47 -24.44 7.80 4.22
N VAL A 48 -23.42 8.63 4.34
CA VAL A 48 -22.60 9.00 3.19
C VAL A 48 -21.18 8.39 3.19
N GLY A 49 -20.79 7.79 4.32
CA GLY A 49 -19.42 7.28 4.51
C GLY A 49 -18.88 6.40 3.39
N CYS A 50 -19.21 5.12 3.41
CA CYS A 50 -19.84 4.51 4.59
C CYS A 50 -18.78 3.91 5.51
N GLY A 51 -17.58 3.67 4.96
CA GLY A 51 -16.42 3.19 5.72
C GLY A 51 -16.56 1.75 6.18
N SER A 52 -17.50 1.53 7.10
CA SER A 52 -18.02 0.22 7.43
C SER A 52 -19.53 0.31 7.24
N GLY A 53 -20.11 -0.59 6.46
CA GLY A 53 -21.53 -0.54 6.12
C GLY A 53 -22.44 -0.30 7.31
N ILE A 54 -21.86 -0.46 8.50
CA ILE A 54 -22.57 -0.60 9.76
C ILE A 54 -23.38 0.62 10.26
N LEU A 55 -23.03 1.84 9.82
CA LEU A 55 -23.67 3.06 10.33
C LEU A 55 -25.19 3.11 10.14
N SER A 56 -25.66 2.70 8.97
CA SER A 56 -27.07 2.72 8.68
C SER A 56 -27.84 1.87 9.69
N PHE A 57 -27.24 0.76 10.09
CA PHE A 57 -27.88 -0.17 11.02
C PHE A 57 -28.03 0.45 12.41
N PHE A 58 -27.08 1.28 12.81
CA PHE A 58 -27.20 2.03 14.06
C PHE A 58 -28.39 3.00 13.97
N ALA A 59 -28.45 3.75 12.88
CA ALA A 59 -29.59 4.63 12.60
C ALA A 59 -30.90 3.83 12.65
N ALA A 60 -30.87 2.61 12.13
CA ALA A 60 -32.04 1.73 12.14
C ALA A 60 -32.39 1.25 13.54
N GLN A 61 -31.36 0.99 14.35
CA GLN A 61 -31.57 0.57 15.73
C GLN A 61 -32.15 1.71 16.56
N ALA A 62 -31.88 2.94 16.12
CA ALA A 62 -32.36 4.15 16.80
C ALA A 62 -33.80 4.51 16.41
N GLY A 63 -34.29 3.90 15.33
CA GLY A 63 -35.68 4.05 14.92
C GLY A 63 -35.90 5.08 13.83
N ALA A 64 -34.90 5.28 12.97
CA ALA A 64 -35.03 6.17 11.83
C ALA A 64 -36.11 5.65 10.88
N ARG A 65 -36.92 6.54 10.34
CA ARG A 65 -38.00 6.14 9.42
C ARG A 65 -37.43 5.65 8.09
N LYS A 66 -36.42 6.36 7.59
CA LYS A 66 -35.82 6.04 6.31
C LYS A 66 -34.35 6.45 6.28
N ILE A 67 -33.50 5.53 5.83
CA ILE A 67 -32.06 5.76 5.79
C ILE A 67 -31.52 5.52 4.38
N TYR A 68 -31.25 6.61 3.66
CA TYR A 68 -30.59 6.52 2.36
C TYR A 68 -29.09 6.35 2.58
N ALA A 69 -28.52 5.31 2.00
CA ALA A 69 -27.10 5.05 2.15
C ALA A 69 -26.36 5.09 0.81
N VAL A 70 -25.69 6.22 0.57
CA VAL A 70 -24.84 6.37 -0.61
C VAL A 70 -23.50 5.67 -0.39
N GLU A 71 -23.27 4.60 -1.14
CA GLU A 71 -22.06 3.81 -1.05
C GLU A 71 -21.44 3.60 -2.43
N ALA A 72 -20.13 3.39 -2.46
CA ALA A 72 -19.40 3.16 -3.72
C ALA A 72 -19.67 1.78 -4.31
N SER A 73 -19.26 1.58 -5.55
CA SER A 73 -19.42 0.30 -6.23
C SER A 73 -18.14 -0.51 -6.17
N THR A 74 -18.02 -1.37 -5.17
CA THR A 74 -18.84 -2.57 -5.09
C THR A 74 -19.52 -2.69 -3.73
N MET A 75 -19.04 -1.91 -2.78
CA MET A 75 -19.48 -2.05 -1.38
C MET A 75 -20.97 -1.80 -1.24
N ALA A 76 -21.61 -1.41 -2.34
CA ALA A 76 -23.05 -1.20 -2.36
C ALA A 76 -23.75 -2.56 -2.32
N GLN A 77 -23.18 -3.52 -3.05
CA GLN A 77 -23.63 -4.92 -3.04
C GLN A 77 -23.61 -5.52 -1.64
N HIS A 78 -22.44 -5.45 -1.00
CA HIS A 78 -22.23 -5.99 0.35
C HIS A 78 -23.17 -5.38 1.38
N ALA A 79 -23.44 -4.08 1.23
CA ALA A 79 -24.39 -3.38 2.10
C ALA A 79 -25.82 -3.88 1.86
N GLU A 80 -26.17 -4.11 0.60
CA GLU A 80 -27.51 -4.61 0.26
C GLU A 80 -27.76 -5.99 0.85
N VAL A 81 -26.79 -6.90 0.70
CA VAL A 81 -26.88 -8.25 1.27
C VAL A 81 -27.25 -8.19 2.77
N LEU A 82 -26.56 -7.33 3.51
CA LEU A 82 -26.80 -7.16 4.95
C LEU A 82 -28.17 -6.53 5.25
N VAL A 83 -28.63 -5.61 4.41
CA VAL A 83 -29.93 -4.98 4.61
C VAL A 83 -31.07 -6.02 4.49
N LYS A 84 -31.01 -6.86 3.46
CA LYS A 84 -32.00 -7.92 3.25
C LYS A 84 -31.95 -8.98 4.35
N SER A 85 -30.76 -9.43 4.71
CA SER A 85 -30.59 -10.49 5.70
C SER A 85 -30.89 -10.04 7.12
N ASN A 86 -30.78 -8.73 7.38
CA ASN A 86 -31.19 -8.15 8.66
C ASN A 86 -32.62 -7.61 8.65
N ASN A 87 -33.39 -7.93 7.61
CA ASN A 87 -34.80 -7.53 7.49
C ASN A 87 -35.04 -6.04 7.72
N LEU A 88 -34.28 -5.20 7.01
CA LEU A 88 -34.37 -3.74 7.15
C LEU A 88 -34.54 -3.09 5.79
N THR A 89 -35.11 -3.86 4.89
CA THR A 89 -35.28 -3.47 3.49
C THR A 89 -36.31 -2.33 3.31
N ASP A 90 -37.17 -2.16 4.31
CA ASP A 90 -38.16 -1.08 4.31
C ASP A 90 -37.65 0.18 5.01
N ARG A 91 -36.47 0.10 5.61
CA ARG A 91 -35.92 1.21 6.39
C ARG A 91 -34.60 1.73 5.84
N ILE A 92 -33.77 0.84 5.30
CA ILE A 92 -32.50 1.24 4.71
C ILE A 92 -32.54 1.08 3.20
N VAL A 93 -32.26 2.18 2.50
CA VAL A 93 -32.22 2.20 1.06
C VAL A 93 -30.83 2.52 0.56
N VAL A 94 -30.15 1.52 0.02
CA VAL A 94 -28.84 1.71 -0.60
C VAL A 94 -29.00 2.44 -1.92
N ILE A 95 -28.28 3.55 -2.06
CA ILE A 95 -28.15 4.24 -3.34
C ILE A 95 -26.68 4.20 -3.77
N PRO A 96 -26.38 3.46 -4.86
CA PRO A 96 -25.02 3.33 -5.38
C PRO A 96 -24.49 4.60 -6.05
N GLY A 97 -23.20 4.86 -5.86
CA GLY A 97 -22.54 6.02 -6.45
C GLY A 97 -21.96 6.96 -5.42
N LYS A 98 -21.88 8.24 -5.79
CA LYS A 98 -21.34 9.30 -4.92
C LYS A 98 -22.34 10.44 -4.73
N VAL A 99 -22.28 11.11 -3.58
CA VAL A 99 -23.24 12.16 -3.22
C VAL A 99 -23.30 13.33 -4.20
N GLU A 100 -22.14 13.72 -4.73
CA GLU A 100 -22.06 14.80 -5.72
C GLU A 100 -22.50 14.31 -7.12
N GLU A 101 -23.07 13.12 -7.16
CA GLU A 101 -23.58 12.53 -8.40
C GLU A 101 -25.05 12.22 -8.25
N VAL A 102 -25.38 11.35 -7.30
CA VAL A 102 -26.72 10.78 -7.15
C VAL A 102 -27.79 11.80 -6.72
N SER A 103 -29.05 11.35 -6.77
CA SER A 103 -30.18 12.17 -6.35
C SER A 103 -31.00 11.46 -5.27
N LEU A 104 -31.44 12.23 -4.28
CA LEU A 104 -32.26 11.72 -3.19
C LEU A 104 -33.69 12.20 -3.34
N PRO A 105 -34.66 11.32 -3.07
CA PRO A 105 -36.08 11.68 -3.24
C PRO A 105 -36.60 12.65 -2.18
N GLU A 106 -35.74 13.04 -1.25
CA GLU A 106 -36.17 13.71 -0.03
C GLU A 106 -35.00 14.44 0.63
N GLN A 107 -35.32 15.52 1.32
CA GLN A 107 -34.36 16.21 2.17
C GLN A 107 -34.28 15.49 3.52
N VAL A 108 -33.10 15.55 4.16
CA VAL A 108 -32.85 14.75 5.37
C VAL A 108 -32.68 15.55 6.67
N ASP A 109 -33.03 14.90 7.78
CA ASP A 109 -32.88 15.46 9.13
C ASP A 109 -31.44 15.38 9.64
N ILE A 110 -30.78 14.27 9.36
CA ILE A 110 -29.42 14.02 9.87
C ILE A 110 -28.54 13.37 8.80
N ILE A 111 -27.28 13.80 8.75
CA ILE A 111 -26.26 13.14 7.95
C ILE A 111 -25.26 12.46 8.89
N ILE A 112 -25.02 11.17 8.66
CA ILE A 112 -24.03 10.42 9.42
C ILE A 112 -22.92 9.94 8.49
N SER A 113 -21.69 9.90 8.99
CA SER A 113 -20.53 9.54 8.16
C SER A 113 -19.30 9.17 8.99
N GLU A 114 -18.36 8.49 8.35
CA GLU A 114 -17.04 8.21 8.91
C GLU A 114 -15.97 8.84 8.01
N PRO A 115 -15.86 10.19 8.03
CA PRO A 115 -15.02 10.90 7.05
C PRO A 115 -13.58 11.20 7.49
N MET A 116 -13.13 10.53 8.56
CA MET A 116 -11.83 10.84 9.17
C MET A 116 -10.71 9.95 8.67
N GLY A 117 -9.62 10.56 8.20
CA GLY A 117 -8.37 9.87 7.94
C GLY A 117 -7.35 10.33 8.96
N TYR A 118 -6.08 10.02 8.71
CA TYR A 118 -4.98 10.51 9.55
C TYR A 118 -5.01 12.04 9.59
N MET A 119 -4.55 12.62 10.70
CA MET A 119 -4.62 14.08 10.92
C MET A 119 -6.03 14.62 10.63
N LEU A 120 -7.03 13.74 10.71
CA LEU A 120 -8.42 14.06 10.38
C LEU A 120 -8.66 14.23 8.87
N PHE A 121 -7.98 15.21 8.28
CA PHE A 121 -8.30 15.69 6.94
C PHE A 121 -7.90 14.79 5.79
N ASN A 122 -6.95 13.88 6.01
CA ASN A 122 -6.43 13.02 4.94
C ASN A 122 -7.53 12.33 4.14
N GLU A 123 -7.27 12.15 2.84
CA GLU A 123 -8.19 11.52 1.88
C GLU A 123 -9.41 12.38 1.52
N ARG A 124 -9.47 13.58 2.09
CA ARG A 124 -10.46 14.59 1.71
C ARG A 124 -11.91 14.09 1.61
N MET A 125 -12.24 13.09 2.43
CA MET A 125 -13.60 12.56 2.49
C MET A 125 -14.56 13.57 3.09
N LEU A 126 -14.01 14.49 3.88
CA LEU A 126 -14.79 15.53 4.54
C LEU A 126 -15.47 16.46 3.54
N GLU A 127 -14.85 16.61 2.37
CA GLU A 127 -15.39 17.45 1.30
C GLU A 127 -16.66 16.86 0.70
N SER A 128 -16.73 15.53 0.62
CA SER A 128 -17.95 14.85 0.25
C SER A 128 -19.00 15.01 1.34
N TYR A 129 -18.54 14.93 2.58
CA TYR A 129 -19.39 15.05 3.77
C TYR A 129 -20.08 16.41 3.84
N LEU A 130 -19.32 17.47 3.55
CA LEU A 130 -19.86 18.83 3.61
C LEU A 130 -20.70 19.13 2.37
N HIS A 131 -20.40 18.45 1.27
CA HIS A 131 -21.17 18.60 0.03
C HIS A 131 -22.56 18.01 0.19
N ALA A 132 -22.70 17.03 1.08
CA ALA A 132 -23.97 16.40 1.38
C ALA A 132 -24.96 17.35 2.06
N LYS A 133 -24.45 18.44 2.64
CA LYS A 133 -25.30 19.45 3.29
C LYS A 133 -26.36 19.98 2.33
N LYS A 134 -26.13 19.70 1.04
CA LYS A 134 -27.08 19.94 -0.05
C LYS A 134 -28.44 19.27 0.25
N TYR A 135 -28.38 18.06 0.80
CA TYR A 135 -29.59 17.27 1.11
C TYR A 135 -30.11 17.48 2.53
N LEU A 136 -29.54 18.44 3.25
CA LEU A 136 -29.89 18.68 4.64
C LEU A 136 -31.02 19.70 4.80
N LYS A 137 -32.05 19.32 5.55
CA LYS A 137 -33.10 20.23 5.99
C LYS A 137 -32.51 21.36 6.83
N PRO A 138 -33.13 22.56 6.80
CA PRO A 138 -32.69 23.61 7.71
C PRO A 138 -32.91 23.20 9.18
N SER A 139 -31.97 23.58 10.05
CA SER A 139 -31.94 23.13 11.45
C SER A 139 -31.69 21.63 11.58
N GLY A 140 -31.15 21.02 10.53
CA GLY A 140 -30.69 19.63 10.57
C GLY A 140 -29.37 19.50 11.33
N ASN A 141 -28.95 18.25 11.56
CA ASN A 141 -27.74 17.96 12.33
C ASN A 141 -26.77 17.06 11.55
N MET A 142 -25.49 17.10 11.93
CA MET A 142 -24.48 16.20 11.37
C MET A 142 -23.76 15.43 12.46
N PHE A 143 -23.47 14.17 12.17
CA PHE A 143 -22.81 13.25 13.09
C PHE A 143 -21.61 12.61 12.40
N PRO A 144 -20.38 13.05 12.72
CA PRO A 144 -19.98 14.03 13.73
C PRO A 144 -20.29 15.49 13.40
N THR A 145 -20.46 16.32 14.43
CA THR A 145 -20.83 17.71 14.26
C THR A 145 -19.60 18.60 14.02
N ILE A 146 -18.57 18.41 14.86
CA ILE A 146 -17.35 19.21 14.76
C ILE A 146 -16.11 18.32 14.79
N GLY A 147 -14.98 18.88 14.37
CA GLY A 147 -13.68 18.19 14.43
C GLY A 147 -12.62 19.04 15.08
N ASP A 148 -12.01 18.52 16.14
CA ASP A 148 -10.92 19.19 16.85
C ASP A 148 -9.59 18.56 16.53
N VAL A 149 -8.70 19.34 15.90
CA VAL A 149 -7.33 18.93 15.68
C VAL A 149 -6.45 19.49 16.80
N HIS A 150 -5.80 18.59 17.53
CA HIS A 150 -4.84 18.96 18.55
C HIS A 150 -3.42 18.80 18.04
N LEU A 151 -2.57 19.74 18.44
CA LEU A 151 -1.13 19.65 18.16
C LEU A 151 -0.30 19.95 19.40
N ALA A 152 0.84 19.25 19.52
CA ALA A 152 1.76 19.43 20.63
C ALA A 152 3.20 19.17 20.20
N PRO A 153 4.14 20.05 20.59
CA PRO A 153 5.55 19.85 20.26
C PRO A 153 6.09 18.67 21.04
N PHE A 154 7.02 17.92 20.44
CA PHE A 154 7.52 16.71 21.08
C PHE A 154 9.04 16.56 21.01
N THR A 155 9.57 15.83 21.99
CA THR A 155 10.98 15.44 22.01
C THR A 155 11.08 13.92 21.81
N ASP A 156 11.81 13.52 20.78
CA ASP A 156 12.03 12.10 20.50
C ASP A 156 13.33 11.89 19.74
N GLU A 157 14.41 11.80 20.50
CA GLU A 157 15.76 11.66 19.97
C GLU A 157 15.91 10.43 19.06
N GLN A 158 15.36 9.30 19.50
CA GLN A 158 15.49 8.02 18.81
C GLN A 158 14.82 8.02 17.44
N LEU A 159 13.67 8.68 17.33
CA LEU A 159 12.91 8.74 16.09
C LEU A 159 13.60 9.59 15.05
N TYR A 160 14.22 10.67 15.51
CA TYR A 160 14.93 11.61 14.65
C TYR A 160 16.11 10.94 13.95
N MET A 161 17.07 10.46 14.71
CA MET A 161 18.26 9.83 14.12
C MET A 161 17.93 8.55 13.35
N GLU A 162 16.82 7.91 13.72
CA GLU A 162 16.30 6.74 13.01
C GLU A 162 15.91 7.11 11.57
N GLN A 163 15.24 8.25 11.42
CA GLN A 163 14.89 8.80 10.11
C GLN A 163 16.13 9.30 9.36
N PHE A 164 16.98 10.04 10.06
CA PHE A 164 18.18 10.63 9.46
C PHE A 164 19.16 9.58 8.96
N THR A 165 19.27 8.45 9.66
CA THR A 165 20.20 7.40 9.25
C THR A 165 19.65 6.55 8.11
N LYS A 166 18.34 6.60 7.90
CA LYS A 166 17.75 6.02 6.69
C LYS A 166 18.04 6.92 5.49
N ALA A 167 17.86 8.23 5.66
CA ALA A 167 18.18 9.22 4.64
C ALA A 167 19.68 9.23 4.35
N ASN A 168 20.45 8.85 5.37
CA ASN A 168 21.91 8.80 5.30
C ASN A 168 22.44 7.79 4.30
N PHE A 169 21.61 6.82 3.94
CA PHE A 169 21.94 5.89 2.86
C PHE A 169 22.41 6.69 1.64
N TRP A 170 21.70 7.77 1.33
CA TRP A 170 21.94 8.54 0.10
C TRP A 170 23.12 9.51 0.19
N TYR A 171 23.80 9.49 1.32
CA TYR A 171 25.13 10.09 1.44
C TYR A 171 26.09 8.92 1.43
N GLN A 172 26.66 8.63 0.26
CA GLN A 172 27.50 7.46 0.04
C GLN A 172 28.30 7.66 -1.23
N PRO A 173 29.64 7.75 -1.11
CA PRO A 173 30.46 8.03 -2.28
C PRO A 173 30.66 6.82 -3.20
N SER A 174 30.38 5.62 -2.68
CA SER A 174 30.66 4.40 -3.43
C SER A 174 29.80 3.24 -2.96
N PHE A 175 28.57 3.18 -3.47
CA PHE A 175 27.66 2.05 -3.28
C PHE A 175 27.76 1.19 -4.52
N HIS A 176 28.32 -0.02 -4.38
CA HIS A 176 28.68 -0.86 -5.53
C HIS A 176 29.40 -0.02 -6.61
N GLY A 177 30.31 0.83 -6.16
CA GLY A 177 31.08 1.72 -7.05
C GLY A 177 30.33 2.95 -7.56
N VAL A 178 29.17 3.25 -6.96
CA VAL A 178 28.33 4.37 -7.41
C VAL A 178 28.16 5.42 -6.34
N ASP A 179 28.41 6.67 -6.72
CA ASP A 179 28.27 7.81 -5.83
C ASP A 179 26.82 8.27 -5.79
N LEU A 180 26.19 8.12 -4.62
CA LEU A 180 24.80 8.54 -4.43
C LEU A 180 24.69 9.93 -3.79
N SER A 181 25.85 10.45 -3.38
CA SER A 181 25.95 11.66 -2.54
C SER A 181 25.11 12.85 -3.00
N ALA A 182 24.94 12.98 -4.31
CA ALA A 182 24.21 14.12 -4.88
C ALA A 182 22.71 14.05 -4.64
N LEU A 183 22.20 12.86 -4.34
CA LEU A 183 20.79 12.66 -4.08
C LEU A 183 20.41 12.80 -2.61
N ARG A 184 21.42 12.93 -1.76
CA ARG A 184 21.18 13.28 -0.37
C ARG A 184 20.70 14.72 -0.35
N GLY A 185 19.55 14.94 0.25
CA GLY A 185 18.97 16.27 0.26
C GLY A 185 17.67 16.20 -0.50
N ALA A 186 17.68 15.43 -1.59
CA ALA A 186 16.43 14.99 -2.20
C ALA A 186 15.85 13.91 -1.29
N ALA A 187 16.73 13.03 -0.81
CA ALA A 187 16.36 11.94 0.09
C ALA A 187 15.89 12.44 1.45
N VAL A 188 16.75 13.23 2.10
CA VAL A 188 16.45 13.82 3.42
C VAL A 188 15.10 14.54 3.37
N ASP A 189 14.90 15.33 2.32
CA ASP A 189 13.63 16.02 2.09
C ASP A 189 12.46 15.04 2.04
N GLU A 190 12.62 13.95 1.29
CA GLU A 190 11.57 12.94 1.16
C GLU A 190 11.24 12.28 2.50
N TYR A 191 12.26 11.75 3.17
CA TYR A 191 12.06 11.04 4.44
C TYR A 191 11.43 11.91 5.52
N PHE A 192 11.86 13.17 5.60
CA PHE A 192 11.32 14.09 6.60
C PHE A 192 10.02 14.76 6.16
N ARG A 193 9.63 14.55 4.90
CA ARG A 193 8.32 14.96 4.43
C ARG A 193 7.25 14.00 4.91
N GLN A 194 7.61 12.73 5.09
CA GLN A 194 6.60 11.75 5.49
C GLN A 194 6.35 11.76 6.99
N PRO A 195 5.07 11.88 7.38
CA PRO A 195 4.68 11.85 8.78
C PRO A 195 4.77 10.45 9.36
N VAL A 196 5.07 10.36 10.63
CA VAL A 196 5.25 9.09 11.31
C VAL A 196 3.96 8.68 12.01
N VAL A 197 3.30 7.65 11.47
CA VAL A 197 2.09 7.14 12.09
C VAL A 197 2.45 6.07 13.13
N ASP A 198 2.20 6.42 14.37
CA ASP A 198 2.73 5.70 15.51
C ASP A 198 1.97 6.21 16.72
N THR A 199 2.05 5.46 17.82
CA THR A 199 1.64 6.00 19.11
C THR A 199 2.89 6.26 19.95
N PHE A 200 2.72 7.02 21.02
CA PHE A 200 3.85 7.40 21.87
C PHE A 200 3.39 7.64 23.31
N ASP A 201 4.35 7.61 24.24
CA ASP A 201 4.10 7.96 25.64
C ASP A 201 3.91 9.47 25.72
N ILE A 202 2.94 9.92 26.51
CA ILE A 202 2.66 11.35 26.66
C ILE A 202 3.78 12.13 27.36
N ARG A 203 4.76 11.40 27.92
CA ARG A 203 5.95 11.99 28.51
C ARG A 203 6.77 12.78 27.50
N ILE A 204 6.67 12.43 26.23
CA ILE A 204 7.44 13.11 25.16
C ILE A 204 6.84 14.44 24.76
N LEU A 205 5.62 14.71 25.22
CA LEU A 205 4.95 15.98 24.94
C LEU A 205 5.56 17.10 25.76
N MET A 206 6.02 18.13 25.06
CA MET A 206 6.78 19.21 25.70
C MET A 206 5.94 20.46 26.00
N ALA A 207 4.63 20.37 25.76
CA ALA A 207 3.70 21.46 26.05
C ALA A 207 2.25 20.98 25.91
N LYS A 208 1.33 21.60 26.65
CA LYS A 208 -0.08 21.27 26.53
C LYS A 208 -0.54 21.61 25.10
N SER A 209 -1.37 20.75 24.53
CA SER A 209 -1.80 20.89 23.13
C SER A 209 -2.61 22.15 22.87
N VAL A 210 -2.52 22.66 21.64
CA VAL A 210 -3.44 23.68 21.17
C VAL A 210 -4.48 23.04 20.26
N LYS A 211 -5.60 23.73 20.03
CA LYS A 211 -6.77 23.13 19.42
C LYS A 211 -7.25 23.92 18.20
N TYR A 212 -7.45 23.23 17.08
CA TYR A 212 -8.05 23.84 15.88
C TYR A 212 -9.38 23.17 15.54
N THR A 213 -10.46 23.92 15.67
CA THR A 213 -11.82 23.41 15.49
C THR A 213 -12.36 23.67 14.09
N VAL A 214 -12.80 22.60 13.42
CA VAL A 214 -13.55 22.70 12.18
C VAL A 214 -14.98 22.22 12.44
N ASN A 215 -15.93 23.14 12.32
CA ASN A 215 -17.33 22.84 12.53
C ASN A 215 -17.98 22.41 11.23
N PHE A 216 -18.43 21.16 11.18
CA PHE A 216 -18.99 20.59 9.93
C PHE A 216 -20.38 21.13 9.60
N LEU A 217 -21.08 21.57 10.63
CA LEU A 217 -22.44 22.10 10.50
C LEU A 217 -22.44 23.45 9.78
N GLU A 218 -21.34 24.19 9.88
CA GLU A 218 -21.23 25.53 9.29
C GLU A 218 -20.22 25.66 8.16
N ALA A 219 -19.15 24.86 8.20
CA ALA A 219 -18.10 24.91 7.19
C ALA A 219 -18.66 24.61 5.80
N LYS A 220 -18.22 25.38 4.81
CA LYS A 220 -18.54 25.11 3.42
C LYS A 220 -17.49 24.16 2.86
N GLU A 221 -17.82 23.51 1.74
CA GLU A 221 -16.87 22.64 1.05
C GLU A 221 -16.65 24.07 0.55
N GLY A 222 -15.37 24.48 0.58
CA GLY A 222 -14.88 25.69 -0.10
C GLY A 222 -13.45 25.23 -0.33
N ASP A 223 -12.54 25.40 0.64
CA ASP A 223 -12.75 25.92 2.01
C ASP A 223 -12.01 24.99 2.97
N LEU A 224 -12.10 23.69 2.70
CA LEU A 224 -11.19 22.72 3.29
C LEU A 224 -10.04 22.46 2.33
N HIS A 225 -9.85 23.38 1.38
CA HIS A 225 -8.74 23.34 0.45
C HIS A 225 -7.49 24.04 1.00
N ARG A 226 -7.68 24.95 1.97
CA ARG A 226 -6.54 25.69 2.53
C ARG A 226 -6.15 25.31 3.96
N ILE A 227 -7.06 25.50 4.92
CA ILE A 227 -6.83 25.16 6.34
C ILE A 227 -5.51 25.66 6.96
N GLU A 228 -5.57 26.85 7.56
CA GLU A 228 -4.42 27.46 8.22
C GLU A 228 -4.55 27.27 9.73
N ILE A 229 -3.60 26.54 10.32
CA ILE A 229 -3.60 26.27 11.76
C ILE A 229 -2.45 27.00 12.48
N PRO A 230 -2.77 28.12 13.16
CA PRO A 230 -1.76 28.78 13.98
C PRO A 230 -1.53 28.04 15.29
N PHE A 231 -0.32 28.15 15.82
CA PHE A 231 -0.01 27.60 17.14
C PHE A 231 0.90 28.52 17.96
N LYS A 232 0.71 28.47 19.27
CA LYS A 232 1.48 29.25 20.23
C LYS A 232 1.59 28.45 21.53
N PHE A 233 2.64 27.64 21.64
CA PHE A 233 2.85 26.78 22.80
C PHE A 233 3.61 27.47 23.94
N HIS A 234 3.23 27.14 25.17
CA HIS A 234 4.03 27.52 26.35
C HIS A 234 4.84 26.30 26.78
N MET A 235 6.15 26.47 26.88
CA MET A 235 7.08 25.34 26.76
C MET A 235 7.22 24.30 27.89
N LEU A 236 6.91 24.65 29.14
CA LEU A 236 6.86 23.64 30.22
C LEU A 236 8.17 22.88 30.54
N HIS A 237 8.90 22.45 29.52
CA HIS A 237 10.17 21.72 29.68
C HIS A 237 11.23 22.19 28.70
N SER A 238 12.48 22.28 29.18
CA SER A 238 13.62 22.68 28.35
C SER A 238 14.17 21.51 27.54
N GLY A 239 14.75 21.82 26.38
CA GLY A 239 15.31 20.79 25.51
C GLY A 239 15.06 20.96 24.02
N LEU A 240 15.23 19.87 23.28
CA LEU A 240 15.13 19.88 21.83
C LEU A 240 13.75 19.44 21.37
N VAL A 241 13.07 20.31 20.63
CA VAL A 241 11.80 19.97 20.02
C VAL A 241 12.08 19.34 18.66
N HIS A 242 11.79 18.05 18.55
CA HIS A 242 12.08 17.28 17.33
C HIS A 242 10.96 17.37 16.30
N GLY A 243 9.80 17.86 16.71
CA GLY A 243 8.69 18.10 15.78
C GLY A 243 7.36 18.38 16.44
N LEU A 244 6.29 18.25 15.67
CA LEU A 244 4.93 18.41 16.18
C LEU A 244 4.11 17.13 16.10
N ALA A 245 3.44 16.80 17.20
CA ALA A 245 2.51 15.68 17.26
C ALA A 245 1.08 16.15 16.99
N PHE A 246 0.36 15.42 16.16
CA PHE A 246 -1.01 15.78 15.82
C PHE A 246 -1.98 14.63 16.13
N TRP A 247 -3.18 14.99 16.58
CA TRP A 247 -4.27 14.02 16.79
C TRP A 247 -5.60 14.74 16.75
N PHE A 248 -6.69 13.98 16.59
CA PHE A 248 -8.02 14.58 16.47
C PHE A 248 -9.08 13.99 17.40
N ASP A 249 -9.90 14.87 17.95
CA ASP A 249 -11.13 14.49 18.63
C ASP A 249 -12.29 14.85 17.70
N VAL A 250 -13.31 14.01 17.69
CA VAL A 250 -14.48 14.30 16.88
C VAL A 250 -15.72 14.16 17.77
N ALA A 251 -16.64 15.13 17.64
CA ALA A 251 -17.79 15.19 18.55
C ALA A 251 -19.11 14.96 17.84
N PHE A 252 -20.00 14.24 18.51
CA PHE A 252 -21.36 14.06 18.05
C PHE A 252 -22.25 14.88 18.96
N ILE A 253 -22.58 16.09 18.52
CA ILE A 253 -23.38 17.01 19.34
C ILE A 253 -24.85 16.75 19.06
N GLY A 254 -25.40 15.77 19.77
CA GLY A 254 -26.80 15.41 19.63
C GLY A 254 -27.69 16.23 20.52
N SER A 255 -28.97 15.85 20.57
CA SER A 255 -29.97 16.55 21.36
C SER A 255 -29.93 16.18 22.84
N ILE A 256 -29.71 14.90 23.16
CA ILE A 256 -29.61 14.46 24.55
C ILE A 256 -28.23 14.73 25.15
N MET A 257 -27.17 14.37 24.42
CA MET A 257 -25.81 14.48 24.93
C MET A 257 -24.75 14.52 23.84
N THR A 258 -23.58 15.02 24.19
CA THR A 258 -22.44 15.05 23.28
C THR A 258 -21.56 13.84 23.55
N VAL A 259 -21.18 13.13 22.50
CA VAL A 259 -20.27 11.99 22.63
C VAL A 259 -18.99 12.26 21.84
N TRP A 260 -17.84 12.09 22.48
CA TRP A 260 -16.55 12.31 21.84
C TRP A 260 -15.90 11.02 21.39
N LEU A 261 -15.40 11.02 20.17
CA LEU A 261 -14.48 9.98 19.72
C LEU A 261 -13.11 10.63 19.72
N SER A 262 -12.28 10.21 20.67
CA SER A 262 -10.94 10.78 20.86
C SER A 262 -9.82 9.91 20.31
N THR A 263 -8.84 10.56 19.68
CA THR A 263 -7.66 9.89 19.11
C THR A 263 -6.38 10.21 19.92
N ALA A 264 -6.56 10.97 21.00
CA ALA A 264 -5.47 11.41 21.89
C ALA A 264 -4.60 10.28 22.49
N PRO A 265 -3.28 10.53 22.61
CA PRO A 265 -2.37 9.53 23.20
C PRO A 265 -2.66 9.23 24.67
N THR A 266 -3.62 9.96 25.25
CA THR A 266 -4.04 9.75 26.63
C THR A 266 -5.24 8.80 26.70
N GLU A 267 -5.90 8.61 25.56
CA GLU A 267 -7.08 7.77 25.44
C GLU A 267 -6.72 6.41 24.80
N PRO A 268 -7.61 5.40 24.91
CA PRO A 268 -7.28 4.11 24.28
C PRO A 268 -6.94 4.23 22.80
N LEU A 269 -6.09 3.33 22.32
CA LEU A 269 -5.62 3.34 20.94
C LEU A 269 -6.71 3.11 19.88
N THR A 270 -6.59 3.79 18.75
CA THR A 270 -7.45 3.54 17.57
C THR A 270 -6.61 3.28 16.32
N HIS A 271 -7.26 2.74 15.29
CA HIS A 271 -6.60 2.45 14.00
C HIS A 271 -5.99 3.71 13.35
N TRP A 272 -6.35 4.88 13.84
CA TRP A 272 -5.77 6.15 13.38
C TRP A 272 -4.44 6.44 14.06
N TYR A 273 -4.15 5.75 15.16
CA TYR A 273 -2.94 5.97 15.95
C TYR A 273 -2.77 7.46 16.23
N GLN A 274 -1.54 7.96 16.10
CA GLN A 274 -1.24 9.39 16.13
C GLN A 274 -0.25 9.70 15.03
N VAL A 275 0.01 11.00 14.80
CA VAL A 275 0.85 11.45 13.69
C VAL A 275 1.92 12.46 14.17
N ARG A 276 3.09 12.47 13.53
CA ARG A 276 4.14 13.44 13.86
C ARG A 276 4.91 13.98 12.64
N CYS A 277 4.98 15.31 12.49
CA CYS A 277 6.01 15.93 11.65
C CYS A 277 7.23 16.09 12.52
N LEU A 278 8.34 15.50 12.09
CA LEU A 278 9.60 15.82 12.70
C LEU A 278 10.33 16.79 11.79
N PHE A 279 10.93 17.82 12.39
CA PHE A 279 11.68 18.82 11.66
C PHE A 279 13.00 18.22 11.19
N GLN A 280 13.50 18.69 10.05
CA GLN A 280 14.78 18.26 9.52
C GLN A 280 15.91 18.65 10.46
N SER A 281 15.60 19.61 11.33
CA SER A 281 16.52 20.09 12.33
C SER A 281 15.74 20.45 13.59
N PRO A 282 16.09 19.83 14.73
CA PRO A 282 15.41 20.12 16.01
C PRO A 282 15.59 21.57 16.42
N LEU A 283 14.63 22.09 17.19
CA LEU A 283 14.76 23.44 17.75
C LEU A 283 14.97 23.37 19.26
N PHE A 284 15.89 24.18 19.78
CA PHE A 284 16.06 24.27 21.23
C PHE A 284 15.12 25.29 21.85
N ALA A 285 14.52 24.90 22.97
CA ALA A 285 13.58 25.74 23.70
C ALA A 285 13.76 25.54 25.19
N LYS A 286 13.54 26.61 25.96
CA LYS A 286 13.56 26.53 27.41
C LYS A 286 12.16 26.59 28.03
N ALA A 287 12.02 26.04 29.24
CA ALA A 287 10.77 26.07 29.98
C ALA A 287 10.38 27.51 30.28
N GLY A 288 9.26 27.93 29.69
CA GLY A 288 8.79 29.30 29.81
C GLY A 288 8.70 29.98 28.46
N ASP A 289 9.50 29.50 27.50
CA ASP A 289 9.52 30.03 26.15
C ASP A 289 8.20 29.82 25.39
N THR A 290 8.05 30.55 24.30
CA THR A 290 6.92 30.39 23.40
C THR A 290 7.40 29.87 22.05
N LEU A 291 6.78 28.78 21.61
CA LEU A 291 7.01 28.27 20.25
C LEU A 291 5.80 28.62 19.41
N SER A 292 5.95 29.60 18.54
CA SER A 292 4.86 30.04 17.68
C SER A 292 5.10 29.66 16.22
N GLY A 293 4.03 29.71 15.44
CA GLY A 293 4.09 29.44 14.00
C GLY A 293 2.78 28.92 13.45
N THR A 294 2.78 28.58 12.16
CA THR A 294 1.57 28.10 11.51
C THR A 294 1.77 26.75 10.84
N CYS A 295 0.70 25.97 10.82
CA CYS A 295 0.62 24.73 10.07
C CYS A 295 -0.33 24.98 8.88
N LEU A 296 0.18 24.91 7.66
CA LEU A 296 -0.63 25.12 6.45
C LEU A 296 -0.94 23.81 5.75
N LEU A 297 -2.19 23.63 5.36
CA LEU A 297 -2.62 22.41 4.70
C LEU A 297 -3.24 22.68 3.34
N ILE A 298 -2.38 22.90 2.35
CA ILE A 298 -2.80 23.15 0.97
C ILE A 298 -3.20 21.83 0.31
N ALA A 299 -4.43 21.76 -0.19
CA ALA A 299 -4.93 20.58 -0.88
C ALA A 299 -4.26 20.39 -2.24
N ASN A 300 -4.32 19.15 -2.75
CA ASN A 300 -3.70 18.81 -4.04
C ASN A 300 -4.53 17.80 -4.84
N LYS A 301 -4.28 17.74 -6.14
CA LYS A 301 -4.85 16.69 -6.98
C LYS A 301 -4.06 15.39 -6.84
N ARG A 302 -4.57 14.47 -6.04
CA ARG A 302 -5.97 14.05 -6.16
C ARG A 302 -6.65 14.02 -4.80
N GLN A 303 -5.98 13.42 -3.82
CA GLN A 303 -6.67 12.90 -2.64
C GLN A 303 -5.76 12.98 -1.41
N SER A 304 -5.29 14.18 -1.09
CA SER A 304 -4.33 14.37 0.02
C SER A 304 -3.96 15.84 0.18
N TYR A 305 -3.05 16.12 1.12
CA TYR A 305 -2.65 17.49 1.45
C TYR A 305 -1.14 17.72 1.36
N ASP A 306 -0.78 18.94 0.98
CA ASP A 306 0.58 19.45 1.11
C ASP A 306 0.61 20.37 2.31
N ILE A 307 1.42 20.00 3.31
CA ILE A 307 1.43 20.68 4.61
C ILE A 307 2.74 21.43 4.89
N SER A 308 2.63 22.72 5.19
CA SER A 308 3.79 23.58 5.43
C SER A 308 3.87 24.00 6.91
N ILE A 309 4.82 23.42 7.63
CA ILE A 309 4.96 23.67 9.08
C ILE A 309 6.05 24.71 9.39
N VAL A 310 5.62 25.92 9.72
CA VAL A 310 6.52 27.02 10.03
C VAL A 310 6.54 27.26 11.54
N ALA A 311 7.69 27.02 12.16
CA ALA A 311 7.84 27.11 13.62
C ALA A 311 9.01 27.99 14.04
N GLN A 312 8.84 28.71 15.15
CA GLN A 312 9.90 29.54 15.70
C GLN A 312 9.82 29.63 17.22
N VAL A 313 10.97 29.81 17.87
CA VAL A 313 11.00 30.11 19.30
C VAL A 313 11.07 31.63 19.44
N ASP A 314 10.04 32.22 20.03
CA ASP A 314 9.92 33.68 20.10
C ASP A 314 11.15 34.35 20.71
N GLN A 315 11.68 33.74 21.77
CA GLN A 315 12.75 34.33 22.59
C GLN A 315 14.10 34.39 21.90
N THR A 316 14.30 33.62 20.83
CA THR A 316 15.63 33.54 20.22
C THR A 316 15.87 34.32 18.90
N GLY A 317 15.09 34.16 17.84
CA GLY A 317 14.09 33.13 17.65
C GLY A 317 14.58 32.20 16.57
N SER A 318 14.85 30.96 16.95
CA SER A 318 15.28 29.91 16.04
C SER A 318 14.08 29.44 15.21
N LYS A 319 14.22 29.48 13.89
CA LYS A 319 13.15 29.09 12.96
C LYS A 319 13.29 27.67 12.37
N SER A 320 12.14 27.09 12.02
CA SER A 320 12.05 25.88 11.21
C SER A 320 10.90 26.01 10.22
N SER A 321 11.17 25.68 8.97
CA SER A 321 10.13 25.53 7.94
C SER A 321 10.27 24.17 7.27
N ASN A 322 9.17 23.39 7.26
CA ASN A 322 9.17 22.04 6.69
C ASN A 322 7.92 21.79 5.88
N LEU A 323 8.09 21.23 4.69
CA LEU A 323 6.98 20.85 3.84
C LEU A 323 6.71 19.34 3.98
N LEU A 324 5.58 18.98 4.59
CA LEU A 324 5.23 17.58 4.80
C LEU A 324 4.09 17.13 3.86
N ASP A 325 4.23 15.92 3.29
CA ASP A 325 3.28 15.43 2.29
C ASP A 325 2.54 14.16 2.73
N LEU A 326 1.24 14.31 2.99
CA LEU A 326 0.39 13.23 3.48
C LEU A 326 0.30 11.98 2.59
N LYS A 327 0.53 12.13 1.30
CA LYS A 327 0.35 11.05 0.32
C LYS A 327 1.27 9.84 0.52
N ASN A 328 2.09 9.88 1.57
CA ASN A 328 2.96 8.75 1.91
C ASN A 328 2.22 7.68 2.72
N PRO A 329 2.36 7.63 4.06
CA PRO A 329 3.34 8.19 4.98
C PRO A 329 4.33 7.12 5.42
N PHE A 330 4.79 7.20 6.67
CA PHE A 330 5.63 6.16 7.25
C PHE A 330 4.93 5.46 8.43
N PHE A 331 4.45 4.25 8.18
CA PHE A 331 3.80 3.45 9.21
C PHE A 331 4.83 2.88 10.19
N ARG A 332 4.62 3.13 11.47
CA ARG A 332 5.50 2.67 12.56
C ARG A 332 6.85 3.38 12.55
N GLY B 11 7.38 6.71 -7.55
CA GLY B 11 8.86 6.84 -7.68
C GLY B 11 9.55 7.53 -6.51
N TYR B 12 9.43 6.94 -5.32
CA TYR B 12 10.11 7.44 -4.12
C TYR B 12 11.53 6.87 -4.01
N LEU B 13 12.41 7.65 -3.39
CA LEU B 13 13.78 7.22 -3.13
C LEU B 13 13.81 6.11 -2.08
N SER B 14 12.83 6.14 -1.18
CA SER B 14 12.60 5.07 -0.22
C SER B 14 12.45 3.73 -0.95
N GLN B 15 11.60 3.71 -1.98
CA GLN B 15 11.35 2.52 -2.77
C GLN B 15 12.63 2.06 -3.45
N GLN B 16 13.28 2.99 -4.14
CA GLN B 16 14.55 2.73 -4.81
C GLN B 16 15.63 2.24 -3.85
N GLN B 17 15.67 2.80 -2.65
CA GLN B 17 16.59 2.35 -1.62
C GLN B 17 16.33 0.90 -1.22
N ASN B 18 15.06 0.59 -0.96
CA ASN B 18 14.65 -0.77 -0.59
C ASN B 18 15.12 -1.82 -1.59
N MET B 19 15.00 -1.51 -2.87
CA MET B 19 15.46 -2.39 -3.94
C MET B 19 16.99 -2.50 -3.97
N MET B 20 17.67 -1.39 -3.73
CA MET B 20 19.13 -1.39 -3.66
C MET B 20 19.62 -2.24 -2.47
N GLN B 21 18.89 -2.18 -1.36
CA GLN B 21 19.21 -2.90 -0.13
C GLN B 21 19.20 -4.42 -0.25
N ASP B 22 18.37 -4.92 -1.17
CA ASP B 22 18.32 -6.36 -1.45
C ASP B 22 19.64 -6.80 -2.07
N TYR B 23 20.54 -7.28 -1.22
CA TYR B 23 21.90 -7.61 -1.63
C TYR B 23 21.95 -8.71 -2.68
N VAL B 24 21.02 -9.65 -2.60
CA VAL B 24 20.97 -10.77 -3.54
C VAL B 24 20.63 -10.23 -4.92
N ARG B 25 19.65 -9.33 -4.98
CA ARG B 25 19.24 -8.68 -6.21
C ARG B 25 20.38 -7.85 -6.80
N THR B 26 20.81 -6.85 -6.03
CA THR B 26 21.81 -5.89 -6.49
C THR B 26 23.19 -6.53 -6.72
N GLY B 27 23.58 -7.40 -5.79
CA GLY B 27 24.85 -8.11 -5.88
C GLY B 27 24.94 -9.05 -7.06
N THR B 28 23.91 -9.88 -7.26
CA THR B 28 23.88 -10.85 -8.35
C THR B 28 23.84 -10.16 -9.71
N TYR B 29 23.07 -9.08 -9.82
CA TYR B 29 23.05 -8.29 -11.04
C TYR B 29 24.44 -7.76 -11.38
N GLN B 30 25.09 -7.17 -10.39
CA GLN B 30 26.45 -6.64 -10.58
C GLN B 30 27.44 -7.75 -10.88
N ARG B 31 27.39 -8.82 -10.09
CA ARG B 31 28.23 -10.00 -10.27
C ARG B 31 28.14 -10.53 -11.70
N ALA B 32 26.93 -10.53 -12.26
CA ALA B 32 26.67 -11.08 -13.59
C ALA B 32 27.25 -10.21 -14.70
N ILE B 33 27.27 -8.90 -14.46
CA ILE B 33 27.70 -7.95 -15.48
C ILE B 33 29.23 -7.83 -15.52
N LEU B 34 29.86 -7.80 -14.35
CA LEU B 34 31.31 -7.62 -14.28
C LEU B 34 32.09 -8.88 -14.66
N GLN B 35 31.60 -10.04 -14.23
CA GLN B 35 32.24 -11.33 -14.54
C GLN B 35 32.07 -11.70 -16.01
N ASN B 36 31.04 -11.16 -16.65
CA ASN B 36 30.85 -11.30 -18.09
C ASN B 36 31.26 -10.02 -18.81
N HIS B 37 32.48 -9.60 -18.50
CA HIS B 37 33.09 -8.36 -18.99
C HIS B 37 33.09 -8.26 -20.52
N THR B 38 33.43 -9.34 -21.20
CA THR B 38 33.52 -9.36 -22.67
C THR B 38 32.19 -9.12 -23.37
N ASP B 39 31.10 -9.28 -22.62
CA ASP B 39 29.75 -9.01 -23.15
C ASP B 39 29.41 -7.53 -23.10
N PHE B 40 30.25 -6.74 -22.43
CA PHE B 40 29.97 -5.32 -22.22
C PHE B 40 31.05 -4.39 -22.74
N LYS B 41 32.29 -4.90 -22.78
CA LYS B 41 33.44 -4.12 -23.23
C LYS B 41 33.21 -3.52 -24.61
N ASP B 42 33.10 -2.19 -24.66
CA ASP B 42 32.90 -1.40 -25.89
C ASP B 42 31.64 -1.78 -26.68
N LYS B 43 30.66 -2.35 -25.97
CA LYS B 43 29.39 -2.73 -26.55
C LYS B 43 28.34 -1.64 -26.28
N ILE B 44 27.26 -1.65 -27.05
CA ILE B 44 26.14 -0.73 -26.86
C ILE B 44 25.05 -1.44 -26.10
N VAL B 45 24.64 -0.85 -24.98
CA VAL B 45 23.69 -1.47 -24.06
C VAL B 45 22.41 -0.64 -23.95
N LEU B 46 21.30 -1.33 -23.70
CA LEU B 46 20.04 -0.68 -23.35
C LEU B 46 19.60 -1.10 -21.95
N ASP B 47 19.36 -0.11 -21.09
CA ASP B 47 18.81 -0.34 -19.76
C ASP B 47 17.35 0.10 -19.71
N VAL B 48 16.44 -0.87 -19.82
CA VAL B 48 15.01 -0.61 -19.84
C VAL B 48 14.37 -0.68 -18.45
N GLY B 49 15.02 -1.36 -17.53
CA GLY B 49 14.42 -1.72 -16.25
C GLY B 49 14.81 -0.77 -15.14
N CYS B 50 15.93 -1.07 -14.49
CA CYS B 50 16.34 -0.34 -13.30
C CYS B 50 15.48 -0.72 -12.10
N GLY B 51 14.86 0.28 -11.49
CA GLY B 51 14.14 0.09 -10.24
C GLY B 51 15.03 0.26 -9.03
N SER B 52 16.25 -0.27 -9.10
CA SER B 52 17.32 0.14 -8.22
C SER B 52 17.97 1.41 -8.75
N GLY B 53 17.89 1.62 -10.06
CA GLY B 53 18.43 2.81 -10.71
C GLY B 53 19.94 2.77 -10.89
N ILE B 54 20.55 1.65 -10.49
CA ILE B 54 21.99 1.51 -10.35
C ILE B 54 22.61 0.69 -11.50
N LEU B 55 21.74 0.19 -12.37
CA LEU B 55 22.10 -0.84 -13.35
C LEU B 55 23.00 -0.34 -14.48
N SER B 56 22.73 0.86 -14.97
CA SER B 56 23.48 1.40 -16.09
C SER B 56 24.90 1.79 -15.64
N PHE B 57 25.10 1.85 -14.33
CA PHE B 57 26.43 2.08 -13.76
C PHE B 57 27.27 0.81 -13.79
N PHE B 58 26.66 -0.34 -13.48
CA PHE B 58 27.35 -1.63 -13.57
C PHE B 58 27.89 -1.87 -15.00
N ALA B 59 27.06 -1.55 -16.00
CA ALA B 59 27.46 -1.66 -17.40
C ALA B 59 28.64 -0.74 -17.74
N ALA B 60 28.66 0.43 -17.12
CA ALA B 60 29.79 1.36 -17.26
C ALA B 60 31.04 0.79 -16.62
N GLN B 61 30.88 0.17 -15.45
CA GLN B 61 31.99 -0.46 -14.72
C GLN B 61 32.58 -1.65 -15.47
N ALA B 62 31.76 -2.31 -16.27
CA ALA B 62 32.23 -3.40 -17.14
C ALA B 62 32.79 -2.86 -18.46
N GLY B 63 32.72 -1.54 -18.62
CA GLY B 63 33.35 -0.87 -19.75
C GLY B 63 32.52 -0.81 -21.02
N ALA B 64 31.25 -0.44 -20.88
CA ALA B 64 30.37 -0.26 -22.03
C ALA B 64 30.70 1.04 -22.76
N ARG B 65 30.53 1.05 -24.08
CA ARG B 65 30.80 2.25 -24.88
C ARG B 65 29.69 3.28 -24.69
N LYS B 66 28.45 2.88 -24.96
CA LYS B 66 27.30 3.75 -24.82
C LYS B 66 26.17 2.97 -24.15
N ILE B 67 25.49 3.62 -23.21
CA ILE B 67 24.38 3.01 -22.49
C ILE B 67 23.14 3.89 -22.57
N TYR B 68 22.19 3.50 -23.43
CA TYR B 68 20.90 4.17 -23.50
C TYR B 68 20.02 3.67 -22.36
N ALA B 69 19.51 4.59 -21.56
CA ALA B 69 18.77 4.21 -20.35
C ALA B 69 17.39 4.86 -20.26
N VAL B 70 16.37 4.06 -20.54
CA VAL B 70 14.98 4.45 -20.33
C VAL B 70 14.40 3.49 -19.29
N GLU B 71 13.99 4.00 -18.14
CA GLU B 71 13.59 5.40 -18.02
C GLU B 71 12.09 5.51 -17.74
N ALA B 72 11.72 5.45 -16.47
CA ALA B 72 10.35 5.73 -16.06
C ALA B 72 10.23 7.15 -15.49
N SER B 73 9.13 7.82 -15.85
CA SER B 73 8.86 9.15 -15.32
C SER B 73 8.95 9.17 -13.80
N THR B 74 10.16 9.22 -13.27
CA THR B 74 10.42 9.76 -11.92
C THR B 74 11.77 10.47 -11.66
N MET B 75 12.92 9.81 -11.40
CA MET B 75 13.42 8.47 -11.82
C MET B 75 14.20 8.61 -13.12
N ALA B 76 13.63 9.34 -14.07
CA ALA B 76 14.39 9.88 -15.18
C ALA B 76 15.33 10.95 -14.62
N GLN B 77 14.80 11.77 -13.72
CA GLN B 77 15.55 12.85 -13.07
C GLN B 77 16.53 12.35 -12.02
N HIS B 78 16.16 11.28 -11.30
CA HIS B 78 17.05 10.65 -10.31
C HIS B 78 18.29 10.08 -10.98
N ALA B 79 18.09 9.40 -12.10
CA ALA B 79 19.19 8.86 -12.88
C ALA B 79 20.07 9.96 -13.48
N GLU B 80 19.44 11.08 -13.87
CA GLU B 80 20.15 12.20 -14.50
C GLU B 80 21.16 12.84 -13.56
N VAL B 81 20.79 12.98 -12.28
CA VAL B 81 21.66 13.58 -11.28
C VAL B 81 22.89 12.69 -11.03
N LEU B 82 22.66 11.40 -10.84
CA LEU B 82 23.71 10.44 -10.52
C LEU B 82 24.70 10.23 -11.67
N VAL B 83 24.21 10.33 -12.90
CA VAL B 83 25.04 10.20 -14.09
C VAL B 83 25.98 11.40 -14.18
N LYS B 84 25.46 12.58 -13.90
CA LYS B 84 26.27 13.80 -13.87
C LYS B 84 27.28 13.77 -12.73
N SER B 85 26.83 13.33 -11.55
CA SER B 85 27.70 13.29 -10.37
C SER B 85 28.76 12.18 -10.42
N ASN B 86 28.49 11.13 -11.19
CA ASN B 86 29.46 10.05 -11.38
C ASN B 86 30.33 10.21 -12.64
N ASN B 87 30.29 11.40 -13.25
CA ASN B 87 31.12 11.77 -14.41
C ASN B 87 30.95 10.89 -15.63
N LEU B 88 29.70 10.56 -15.96
CA LEU B 88 29.38 9.59 -17.02
C LEU B 88 28.37 10.09 -18.05
N THR B 89 28.29 11.40 -18.23
CA THR B 89 27.36 12.02 -19.18
C THR B 89 27.61 11.56 -20.62
N ASP B 90 28.86 11.15 -20.89
CA ASP B 90 29.31 10.79 -22.24
C ASP B 90 29.28 9.29 -22.50
N ARG B 91 28.65 8.54 -21.61
CA ARG B 91 28.53 7.09 -21.76
C ARG B 91 27.12 6.61 -21.44
N ILE B 92 26.38 7.42 -20.70
CA ILE B 92 25.01 7.09 -20.32
C ILE B 92 24.05 8.23 -20.65
N VAL B 93 23.09 7.95 -21.52
CA VAL B 93 22.04 8.88 -21.90
C VAL B 93 20.74 8.44 -21.24
N VAL B 94 20.05 9.38 -20.59
CA VAL B 94 18.79 9.08 -19.92
C VAL B 94 17.61 9.61 -20.72
N ILE B 95 16.83 8.68 -21.28
CA ILE B 95 15.65 9.00 -22.07
C ILE B 95 14.38 8.68 -21.26
N PRO B 96 13.73 9.71 -20.69
CA PRO B 96 12.51 9.53 -19.90
C PRO B 96 11.36 8.92 -20.71
N GLY B 97 10.57 8.07 -20.06
CA GLY B 97 9.43 7.43 -20.71
C GLY B 97 9.48 5.91 -20.68
N LYS B 98 8.95 5.30 -21.73
CA LYS B 98 8.87 3.83 -21.84
C LYS B 98 9.15 3.31 -23.26
N VAL B 99 9.68 2.09 -23.35
CA VAL B 99 10.18 1.51 -24.61
C VAL B 99 9.19 1.49 -25.77
N GLU B 100 7.92 1.24 -25.46
CA GLU B 100 6.86 1.24 -26.48
C GLU B 100 6.37 2.64 -26.82
N GLU B 101 7.05 3.65 -26.27
CA GLU B 101 6.67 5.04 -26.46
C GLU B 101 7.83 5.90 -26.99
N VAL B 102 9.07 5.47 -26.71
CA VAL B 102 10.27 6.24 -27.09
C VAL B 102 10.96 5.72 -28.35
N SER B 103 11.97 6.46 -28.81
CA SER B 103 12.75 6.08 -29.99
C SER B 103 14.25 6.01 -29.67
N LEU B 104 14.90 4.93 -30.13
CA LEU B 104 16.36 4.81 -30.07
C LEU B 104 17.00 5.03 -31.43
N PRO B 105 18.20 5.64 -31.45
CA PRO B 105 18.90 5.93 -32.70
C PRO B 105 19.87 4.82 -33.13
N GLU B 106 19.81 3.66 -32.48
CA GLU B 106 20.84 2.64 -32.65
C GLU B 106 20.42 1.31 -32.02
N GLN B 107 20.67 0.23 -32.77
CA GLN B 107 20.50 -1.13 -32.25
C GLN B 107 21.59 -1.46 -31.23
N VAL B 108 21.19 -2.14 -30.16
CA VAL B 108 22.08 -2.44 -29.05
C VAL B 108 22.59 -3.89 -29.08
N ASP B 109 23.69 -4.16 -28.38
CA ASP B 109 24.23 -5.51 -28.26
C ASP B 109 23.55 -6.29 -27.14
N ILE B 110 23.32 -5.63 -26.00
CA ILE B 110 22.73 -6.27 -24.82
C ILE B 110 21.62 -5.41 -24.26
N ILE B 111 20.55 -6.05 -23.79
CA ILE B 111 19.51 -5.37 -23.04
C ILE B 111 19.58 -5.85 -21.60
N ILE B 112 19.52 -4.90 -20.67
CA ILE B 112 19.53 -5.19 -19.24
C ILE B 112 18.30 -4.60 -18.56
N SER B 113 17.81 -5.27 -17.52
CA SER B 113 16.59 -4.84 -16.83
C SER B 113 16.33 -5.64 -15.58
N GLU B 114 15.54 -5.07 -14.67
CA GLU B 114 15.03 -5.79 -13.51
C GLU B 114 13.51 -5.82 -13.59
N PRO B 115 12.95 -6.73 -14.40
CA PRO B 115 11.51 -6.74 -14.65
C PRO B 115 10.70 -7.73 -13.79
N MET B 116 11.34 -8.39 -12.84
CA MET B 116 10.68 -9.46 -12.08
C MET B 116 9.73 -8.93 -10.99
N GLY B 117 8.50 -9.44 -10.98
CA GLY B 117 7.54 -9.14 -9.92
C GLY B 117 7.38 -10.36 -9.03
N TYR B 118 6.38 -10.34 -8.14
CA TYR B 118 6.00 -11.56 -7.42
C TYR B 118 5.60 -12.65 -8.42
N MET B 119 6.04 -13.89 -8.17
CA MET B 119 5.82 -15.01 -9.10
C MET B 119 6.41 -14.71 -10.48
N LEU B 120 7.48 -13.90 -10.49
CA LEU B 120 8.14 -13.44 -11.73
C LEU B 120 7.30 -12.47 -12.60
N PHE B 121 6.04 -12.80 -12.85
CA PHE B 121 5.28 -12.08 -13.87
C PHE B 121 4.47 -10.88 -13.38
N ASN B 122 4.27 -10.77 -12.07
CA ASN B 122 3.45 -9.69 -11.53
C ASN B 122 3.94 -8.32 -11.96
N GLU B 123 3.00 -7.40 -12.18
CA GLU B 123 3.26 -6.04 -12.67
C GLU B 123 3.57 -5.99 -14.17
N ARG B 124 3.68 -7.17 -14.77
CA ARG B 124 3.76 -7.34 -16.23
C ARG B 124 4.88 -6.53 -16.91
N MET B 125 6.01 -6.41 -16.22
CA MET B 125 7.13 -5.61 -16.69
C MET B 125 7.95 -6.35 -17.75
N LEU B 126 7.86 -7.69 -17.75
CA LEU B 126 8.61 -8.50 -18.70
C LEU B 126 8.13 -8.29 -20.14
N GLU B 127 6.87 -7.87 -20.31
CA GLU B 127 6.32 -7.58 -21.63
C GLU B 127 7.07 -6.44 -22.29
N SER B 128 7.24 -5.34 -21.54
CA SER B 128 8.04 -4.18 -21.97
C SER B 128 9.48 -4.61 -22.26
N TYR B 129 9.99 -5.53 -21.44
CA TYR B 129 11.30 -6.12 -21.63
C TYR B 129 11.42 -6.83 -22.96
N LEU B 130 10.46 -7.72 -23.25
CA LEU B 130 10.42 -8.46 -24.51
C LEU B 130 10.18 -7.53 -25.69
N HIS B 131 9.36 -6.50 -25.46
CA HIS B 131 9.12 -5.44 -26.44
C HIS B 131 10.41 -4.74 -26.87
N ALA B 132 11.38 -4.66 -25.97
CA ALA B 132 12.65 -3.97 -26.24
C ALA B 132 13.47 -4.63 -27.35
N LYS B 133 13.21 -5.91 -27.62
CA LYS B 133 13.94 -6.66 -28.65
C LYS B 133 13.75 -6.10 -30.05
N LYS B 134 12.89 -5.10 -30.19
CA LYS B 134 12.76 -4.34 -31.43
C LYS B 134 14.03 -3.51 -31.67
N TYR B 135 14.75 -3.23 -30.59
CA TYR B 135 15.97 -2.43 -30.63
C TYR B 135 17.23 -3.27 -30.53
N LEU B 136 17.06 -4.59 -30.49
CA LEU B 136 18.18 -5.49 -30.30
C LEU B 136 18.78 -5.93 -31.64
N LYS B 137 20.11 -5.90 -31.72
CA LYS B 137 20.84 -6.41 -32.88
C LYS B 137 20.64 -7.93 -33.00
N PRO B 138 20.73 -8.47 -34.22
CA PRO B 138 20.58 -9.92 -34.34
C PRO B 138 21.69 -10.65 -33.59
N SER B 139 21.30 -11.72 -32.89
CA SER B 139 22.22 -12.53 -32.07
C SER B 139 22.74 -11.84 -30.81
N GLY B 140 22.24 -10.63 -30.53
CA GLY B 140 22.53 -9.98 -29.25
C GLY B 140 21.93 -10.81 -28.13
N ASN B 141 22.21 -10.44 -26.88
CA ASN B 141 21.52 -11.11 -25.77
C ASN B 141 20.89 -10.20 -24.72
N MET B 142 20.30 -10.82 -23.70
CA MET B 142 19.54 -10.12 -22.68
C MET B 142 19.88 -10.62 -21.29
N PHE B 143 19.95 -9.68 -20.36
CA PHE B 143 20.31 -9.91 -18.97
C PHE B 143 19.16 -9.39 -18.10
N PRO B 144 18.33 -10.31 -17.56
CA PRO B 144 18.49 -11.76 -17.57
C PRO B 144 18.07 -12.42 -18.88
N THR B 145 18.64 -13.61 -19.11
CA THR B 145 18.45 -14.34 -20.35
C THR B 145 17.21 -15.24 -20.30
N ILE B 146 17.07 -15.99 -19.21
CA ILE B 146 15.90 -16.86 -19.04
C ILE B 146 15.27 -16.71 -17.65
N GLY B 147 14.05 -17.21 -17.52
CA GLY B 147 13.35 -17.23 -16.24
C GLY B 147 12.72 -18.60 -16.01
N ASP B 148 13.07 -19.21 -14.89
CA ASP B 148 12.48 -20.48 -14.47
C ASP B 148 11.50 -20.21 -13.35
N VAL B 149 10.22 -20.49 -13.61
CA VAL B 149 9.20 -20.44 -12.57
C VAL B 149 9.09 -21.83 -12.00
N HIS B 150 9.08 -21.93 -10.68
CA HIS B 150 8.93 -23.21 -9.98
C HIS B 150 7.67 -23.25 -9.16
N LEU B 151 6.99 -24.39 -9.19
CA LEU B 151 5.83 -24.61 -8.34
C LEU B 151 5.86 -26.01 -7.73
N ALA B 152 5.35 -26.12 -6.50
CA ALA B 152 5.31 -27.39 -5.77
C ALA B 152 4.13 -27.41 -4.80
N PRO B 153 3.56 -28.59 -4.54
CA PRO B 153 2.44 -28.64 -3.60
C PRO B 153 2.94 -28.52 -2.16
N PHE B 154 2.11 -27.93 -1.30
CA PHE B 154 2.48 -27.76 0.09
C PHE B 154 1.35 -28.12 1.05
N THR B 155 1.73 -28.48 2.27
CA THR B 155 0.80 -28.66 3.36
C THR B 155 1.10 -27.63 4.45
N ASP B 156 0.06 -26.96 4.92
CA ASP B 156 0.19 -25.95 5.97
C ASP B 156 -1.18 -25.70 6.58
N GLU B 157 -1.47 -26.45 7.64
CA GLU B 157 -2.74 -26.39 8.35
C GLU B 157 -2.97 -25.01 8.97
N GLN B 158 -1.95 -24.48 9.61
CA GLN B 158 -2.02 -23.17 10.26
C GLN B 158 -2.40 -22.04 9.30
N LEU B 159 -1.80 -22.05 8.11
CA LEU B 159 -2.11 -21.06 7.08
C LEU B 159 -3.53 -21.24 6.53
N TYR B 160 -3.93 -22.49 6.34
CA TYR B 160 -5.28 -22.78 5.85
C TYR B 160 -6.33 -22.34 6.86
N MET B 161 -6.12 -22.71 8.11
CA MET B 161 -7.05 -22.39 9.18
C MET B 161 -7.16 -20.87 9.40
N GLU B 162 -6.00 -20.22 9.35
CA GLU B 162 -5.86 -18.77 9.44
C GLU B 162 -6.93 -18.03 8.64
N GLN B 163 -7.20 -18.51 7.43
CA GLN B 163 -8.21 -17.94 6.54
C GLN B 163 -9.59 -17.92 7.16
N PHE B 164 -10.01 -19.08 7.67
CA PHE B 164 -11.34 -19.21 8.26
C PHE B 164 -11.48 -18.47 9.58
N THR B 165 -10.43 -18.42 10.40
CA THR B 165 -10.51 -17.65 11.62
C THR B 165 -10.81 -16.19 11.27
N LYS B 166 -10.12 -15.68 10.25
CA LYS B 166 -10.35 -14.32 9.77
C LYS B 166 -11.79 -14.14 9.30
N ALA B 167 -12.17 -14.92 8.30
CA ALA B 167 -13.51 -14.82 7.70
C ALA B 167 -14.65 -15.07 8.69
N ASN B 168 -14.40 -15.90 9.71
CA ASN B 168 -15.43 -16.22 10.71
C ASN B 168 -15.84 -15.04 11.58
N PHE B 169 -15.13 -13.92 11.43
CA PHE B 169 -15.53 -12.66 12.06
C PHE B 169 -16.94 -12.28 11.57
N TRP B 170 -17.20 -12.59 10.30
CA TRP B 170 -18.47 -12.28 9.68
C TRP B 170 -19.58 -13.21 10.11
N TYR B 171 -19.23 -14.33 10.72
CA TYR B 171 -20.22 -15.29 11.18
C TYR B 171 -20.68 -14.95 12.59
N GLN B 172 -21.20 -13.74 12.74
CA GLN B 172 -21.79 -13.26 13.98
C GLN B 172 -23.20 -12.78 13.69
N PRO B 173 -24.19 -13.24 14.47
CA PRO B 173 -25.58 -12.82 14.31
C PRO B 173 -25.87 -11.44 14.91
N SER B 174 -25.00 -10.98 15.81
CA SER B 174 -25.25 -9.73 16.53
C SER B 174 -23.99 -8.97 16.95
N PHE B 175 -23.14 -8.67 15.96
CA PHE B 175 -22.02 -7.77 16.14
C PHE B 175 -22.58 -6.36 16.17
N HIS B 176 -22.57 -5.73 17.34
CA HIS B 176 -23.25 -4.46 17.58
C HIS B 176 -24.68 -4.47 17.05
N GLY B 177 -25.36 -5.60 17.25
CA GLY B 177 -26.77 -5.74 16.88
C GLY B 177 -27.01 -5.97 15.40
N VAL B 178 -25.96 -6.33 14.68
CA VAL B 178 -26.03 -6.54 13.24
C VAL B 178 -25.63 -7.98 12.92
N ASP B 179 -26.42 -8.65 12.09
CA ASP B 179 -26.09 -10.00 11.65
C ASP B 179 -25.25 -9.93 10.38
N LEU B 180 -23.98 -10.33 10.49
CA LEU B 180 -23.04 -10.23 9.37
C LEU B 180 -22.93 -11.54 8.57
N SER B 181 -23.52 -12.61 9.09
CA SER B 181 -23.34 -13.95 8.56
C SER B 181 -23.58 -14.13 7.06
N ALA B 182 -24.45 -13.30 6.48
CA ALA B 182 -24.74 -13.41 5.05
C ALA B 182 -23.55 -13.05 4.14
N LEU B 183 -22.52 -12.41 4.73
CA LEU B 183 -21.31 -12.04 3.98
C LEU B 183 -20.09 -12.95 4.25
N ARG B 184 -20.26 -13.91 5.15
CA ARG B 184 -19.20 -14.87 5.50
C ARG B 184 -18.62 -15.57 4.27
N GLY B 185 -19.50 -16.13 3.43
CA GLY B 185 -19.10 -16.82 2.21
C GLY B 185 -18.29 -15.94 1.28
N ALA B 186 -18.73 -14.70 1.10
CA ALA B 186 -18.02 -13.73 0.27
C ALA B 186 -16.64 -13.41 0.84
N ALA B 187 -16.55 -13.41 2.17
CA ALA B 187 -15.30 -13.11 2.85
C ALA B 187 -14.31 -14.26 2.68
N VAL B 188 -14.78 -15.50 2.86
CA VAL B 188 -13.95 -16.68 2.63
C VAL B 188 -13.36 -16.64 1.23
N ASP B 189 -14.23 -16.47 0.23
CA ASP B 189 -13.83 -16.40 -1.17
C ASP B 189 -12.74 -15.36 -1.34
N GLU B 190 -13.00 -14.16 -0.85
CA GLU B 190 -12.06 -13.05 -0.97
C GLU B 190 -10.71 -13.40 -0.36
N TYR B 191 -10.71 -13.92 0.87
CA TYR B 191 -9.47 -14.27 1.57
C TYR B 191 -8.68 -15.35 0.84
N PHE B 192 -9.39 -16.31 0.27
CA PHE B 192 -8.76 -17.38 -0.51
C PHE B 192 -8.33 -16.93 -1.90
N ARG B 193 -8.83 -15.77 -2.32
CA ARG B 193 -8.51 -15.26 -3.64
C ARG B 193 -7.15 -14.55 -3.65
N GLN B 194 -6.61 -14.29 -2.47
CA GLN B 194 -5.29 -13.64 -2.37
C GLN B 194 -4.12 -14.60 -2.21
N PRO B 195 -3.17 -14.55 -3.14
CA PRO B 195 -1.93 -15.30 -2.99
C PRO B 195 -1.15 -14.77 -1.80
N VAL B 196 -0.54 -15.68 -1.06
CA VAL B 196 0.13 -15.34 0.18
C VAL B 196 1.61 -15.11 -0.06
N VAL B 197 2.06 -13.88 0.20
CA VAL B 197 3.47 -13.56 0.10
C VAL B 197 4.13 -13.65 1.47
N ASP B 198 4.98 -14.67 1.63
CA ASP B 198 5.94 -14.80 2.72
C ASP B 198 6.87 -15.98 2.43
N THR B 199 7.65 -16.39 3.42
CA THR B 199 8.57 -17.53 3.22
C THR B 199 8.21 -18.70 4.13
N PHE B 200 8.79 -19.87 3.84
CA PHE B 200 8.44 -21.08 4.57
C PHE B 200 9.63 -22.02 4.66
N ASP B 201 9.58 -22.93 5.64
CA ASP B 201 10.52 -24.04 5.68
C ASP B 201 10.20 -24.97 4.52
N ILE B 202 11.24 -25.61 3.97
CA ILE B 202 11.04 -26.53 2.85
C ILE B 202 10.34 -27.82 3.24
N ARG B 203 10.28 -28.09 4.55
CA ARG B 203 9.61 -29.29 5.09
C ARG B 203 8.11 -29.36 4.76
N ILE B 204 7.52 -28.23 4.38
CA ILE B 204 6.09 -28.19 4.03
C ILE B 204 5.85 -28.57 2.56
N LEU B 205 6.93 -28.72 1.78
CA LEU B 205 6.84 -29.11 0.38
C LEU B 205 6.57 -30.61 0.23
N MET B 206 5.46 -30.93 -0.43
CA MET B 206 4.94 -32.30 -0.51
C MET B 206 5.53 -33.12 -1.66
N ALA B 207 6.04 -32.45 -2.69
CA ALA B 207 6.66 -33.11 -3.84
C ALA B 207 7.72 -32.22 -4.48
N LYS B 208 8.61 -32.82 -5.27
CA LYS B 208 9.62 -32.07 -6.01
C LYS B 208 8.96 -31.09 -6.97
N SER B 209 9.52 -29.88 -7.08
CA SER B 209 8.94 -28.83 -7.91
C SER B 209 9.05 -29.13 -9.41
N VAL B 210 8.00 -28.80 -10.15
CA VAL B 210 8.10 -28.73 -11.60
C VAL B 210 8.57 -27.33 -11.99
N LYS B 211 9.13 -27.21 -13.18
CA LYS B 211 9.69 -25.97 -13.69
C LYS B 211 8.95 -25.54 -14.94
N TYR B 212 8.76 -24.23 -15.09
CA TYR B 212 8.27 -23.64 -16.34
C TYR B 212 9.21 -22.53 -16.76
N THR B 213 9.72 -22.61 -17.99
CA THR B 213 10.84 -21.80 -18.42
C THR B 213 10.45 -20.81 -19.51
N VAL B 214 10.78 -19.54 -19.29
CA VAL B 214 10.60 -18.53 -20.32
C VAL B 214 11.97 -18.09 -20.81
N ASN B 215 12.28 -18.43 -22.06
CA ASN B 215 13.52 -18.00 -22.69
C ASN B 215 13.30 -16.61 -23.29
N PHE B 216 13.73 -15.59 -22.54
CA PHE B 216 13.51 -14.20 -22.96
C PHE B 216 14.07 -13.86 -24.34
N LEU B 217 15.02 -14.65 -24.79
CA LEU B 217 15.72 -14.39 -26.05
C LEU B 217 14.85 -14.77 -27.25
N GLU B 218 13.96 -15.73 -27.03
CA GLU B 218 13.09 -16.23 -28.09
C GLU B 218 11.61 -15.88 -27.92
N ALA B 219 11.21 -15.60 -26.67
CA ALA B 219 9.81 -15.29 -26.35
C ALA B 219 9.30 -14.00 -27.00
N LYS B 220 8.05 -14.04 -27.43
CA LYS B 220 7.35 -12.83 -27.90
C LYS B 220 6.51 -12.33 -26.74
N GLU B 221 6.21 -11.04 -26.71
CA GLU B 221 5.51 -10.47 -25.57
C GLU B 221 4.06 -10.93 -25.42
N GLY B 222 3.47 -11.43 -26.51
CA GLY B 222 2.14 -12.05 -26.46
C GLY B 222 2.10 -13.34 -25.66
N ASP B 223 3.24 -14.04 -25.60
CA ASP B 223 3.35 -15.29 -24.83
C ASP B 223 3.01 -15.12 -23.36
N LEU B 224 3.13 -13.88 -22.88
CA LEU B 224 2.95 -13.60 -21.47
C LEU B 224 1.51 -13.21 -21.11
N HIS B 225 0.62 -13.29 -22.09
CA HIS B 225 -0.79 -12.94 -21.86
C HIS B 225 -1.64 -14.11 -21.38
N ARG B 226 -1.29 -15.33 -21.79
CA ARG B 226 -2.00 -16.50 -21.27
C ARG B 226 -1.12 -17.41 -20.42
N ILE B 227 0.01 -17.86 -20.95
CA ILE B 227 0.97 -18.62 -20.14
C ILE B 227 0.36 -19.77 -19.26
N GLU B 228 0.24 -20.95 -19.88
CA GLU B 228 -0.35 -22.14 -19.26
C GLU B 228 0.74 -23.08 -18.69
N ILE B 229 0.63 -23.42 -17.41
CA ILE B 229 1.60 -24.29 -16.75
C ILE B 229 0.97 -25.61 -16.28
N PRO B 230 1.11 -26.67 -17.08
CA PRO B 230 0.64 -27.99 -16.63
C PRO B 230 1.60 -28.60 -15.61
N PHE B 231 1.09 -29.53 -14.80
CA PHE B 231 1.90 -30.17 -13.76
C PHE B 231 1.41 -31.56 -13.40
N LYS B 232 2.37 -32.44 -13.11
CA LYS B 232 2.09 -33.78 -12.62
C LYS B 232 3.06 -34.10 -11.48
N PHE B 233 2.68 -33.73 -10.27
CA PHE B 233 3.52 -33.96 -9.09
C PHE B 233 3.45 -35.41 -8.63
N HIS B 234 4.60 -35.95 -8.25
CA HIS B 234 4.66 -37.28 -7.68
C HIS B 234 5.01 -37.18 -6.20
N MET B 235 4.00 -37.36 -5.37
CA MET B 235 4.08 -37.04 -3.95
C MET B 235 5.18 -37.81 -3.21
N LEU B 236 6.03 -37.07 -2.50
CA LEU B 236 7.05 -37.63 -1.63
C LEU B 236 6.45 -37.99 -0.28
N HIS B 237 5.52 -37.17 0.19
CA HIS B 237 4.97 -37.32 1.53
C HIS B 237 3.46 -37.51 1.55
N SER B 238 2.98 -38.18 2.59
CA SER B 238 1.57 -38.38 2.82
C SER B 238 1.02 -37.22 3.62
N GLY B 239 -0.10 -36.65 3.16
CA GLY B 239 -0.74 -35.53 3.86
C GLY B 239 -1.79 -34.82 3.03
N LEU B 240 -2.22 -33.66 3.52
CA LEU B 240 -3.21 -32.83 2.83
C LEU B 240 -2.56 -31.69 2.08
N VAL B 241 -2.85 -31.61 0.78
CA VAL B 241 -2.37 -30.52 -0.05
C VAL B 241 -3.28 -29.31 0.15
N HIS B 242 -2.71 -28.19 0.59
CA HIS B 242 -3.49 -26.98 0.84
C HIS B 242 -3.34 -25.95 -0.26
N GLY B 243 -2.47 -26.21 -1.22
CA GLY B 243 -2.27 -25.29 -2.32
C GLY B 243 -0.95 -25.53 -3.02
N LEU B 244 -0.53 -24.58 -3.83
CA LEU B 244 0.73 -24.64 -4.54
C LEU B 244 1.63 -23.49 -4.16
N ALA B 245 2.90 -23.81 -3.89
CA ALA B 245 3.95 -22.83 -3.58
C ALA B 245 4.65 -22.41 -4.87
N PHE B 246 5.01 -21.14 -4.97
CA PHE B 246 5.68 -20.61 -6.18
C PHE B 246 6.94 -19.84 -5.82
N TRP B 247 7.96 -19.97 -6.67
CA TRP B 247 9.15 -19.13 -6.59
C TRP B 247 9.77 -19.06 -7.97
N PHE B 248 10.88 -18.33 -8.10
CA PHE B 248 11.53 -18.20 -9.41
C PHE B 248 13.03 -17.99 -9.37
N ASP B 249 13.67 -18.37 -10.48
CA ASP B 249 15.07 -18.12 -10.73
C ASP B 249 15.17 -17.40 -12.08
N VAL B 250 16.17 -16.54 -12.21
CA VAL B 250 16.57 -16.03 -13.53
C VAL B 250 18.05 -16.31 -13.72
N ALA B 251 18.46 -16.44 -14.97
CA ALA B 251 19.85 -16.73 -15.29
C ALA B 251 20.41 -15.69 -16.24
N PHE B 252 21.64 -15.26 -15.95
CA PHE B 252 22.36 -14.33 -16.79
C PHE B 252 23.40 -15.11 -17.59
N ILE B 253 23.02 -15.56 -18.78
CA ILE B 253 23.88 -16.39 -19.62
C ILE B 253 24.77 -15.55 -20.52
N GLY B 254 25.98 -15.27 -20.03
CA GLY B 254 26.96 -14.48 -20.76
C GLY B 254 27.99 -15.35 -21.48
N SER B 255 28.89 -14.70 -22.22
CA SER B 255 29.95 -15.40 -22.95
C SER B 255 30.88 -16.14 -22.01
N ILE B 256 31.27 -15.47 -20.92
CA ILE B 256 32.20 -16.04 -19.95
C ILE B 256 31.50 -17.00 -19.00
N MET B 257 30.39 -16.57 -18.42
CA MET B 257 29.81 -17.26 -17.28
C MET B 257 28.30 -17.08 -17.18
N THR B 258 27.60 -18.17 -16.88
CA THR B 258 26.18 -18.10 -16.54
C THR B 258 26.01 -17.88 -15.03
N VAL B 259 25.28 -16.83 -14.66
CA VAL B 259 25.09 -16.46 -13.26
C VAL B 259 23.60 -16.42 -12.88
N TRP B 260 23.27 -17.07 -11.77
CA TRP B 260 21.89 -17.24 -11.35
C TRP B 260 21.46 -16.32 -10.23
N LEU B 261 20.24 -15.79 -10.36
CA LEU B 261 19.55 -15.12 -9.27
C LEU B 261 18.35 -15.97 -8.90
N SER B 262 18.36 -16.52 -7.69
CA SER B 262 17.35 -17.47 -7.25
C SER B 262 16.55 -16.94 -6.07
N THR B 263 15.24 -17.16 -6.11
CA THR B 263 14.37 -16.79 -4.98
C THR B 263 13.79 -18.04 -4.32
N ALA B 264 14.49 -19.15 -4.47
CA ALA B 264 14.07 -20.43 -3.90
C ALA B 264 14.03 -20.38 -2.37
N PRO B 265 13.10 -21.14 -1.75
CA PRO B 265 13.03 -21.22 -0.29
C PRO B 265 14.24 -21.93 0.35
N THR B 266 15.08 -22.55 -0.48
CA THR B 266 16.38 -23.10 -0.03
C THR B 266 17.50 -22.06 -0.15
N GLU B 267 17.17 -20.90 -0.72
CA GLU B 267 18.12 -19.81 -0.90
C GLU B 267 17.90 -18.70 0.13
N PRO B 268 18.93 -17.86 0.36
CA PRO B 268 18.75 -16.69 1.23
C PRO B 268 17.60 -15.81 0.77
N LEU B 269 16.91 -15.19 1.73
CA LEU B 269 15.71 -14.41 1.49
C LEU B 269 15.94 -13.17 0.62
N THR B 270 14.99 -12.91 -0.27
CA THR B 270 15.00 -11.70 -1.11
C THR B 270 13.65 -10.99 -0.91
N HIS B 271 13.50 -9.80 -1.49
CA HIS B 271 12.25 -9.06 -1.33
C HIS B 271 11.06 -9.70 -2.07
N TRP B 272 11.35 -10.67 -2.93
CA TRP B 272 10.30 -11.40 -3.65
C TRP B 272 9.71 -12.55 -2.83
N TYR B 273 10.35 -12.89 -1.71
CA TYR B 273 9.90 -13.95 -0.81
C TYR B 273 9.48 -15.17 -1.62
N GLN B 274 8.34 -15.75 -1.27
CA GLN B 274 7.72 -16.79 -2.08
C GLN B 274 6.21 -16.60 -2.06
N VAL B 275 5.52 -17.22 -3.00
CA VAL B 275 4.08 -17.04 -3.16
C VAL B 275 3.33 -18.35 -3.02
N ARG B 276 2.27 -18.35 -2.22
CA ARG B 276 1.46 -19.55 -2.07
C ARG B 276 0.00 -19.28 -2.46
N CYS B 277 -0.54 -20.14 -3.32
CA CYS B 277 -1.93 -20.05 -3.71
C CYS B 277 -2.65 -21.22 -3.10
N LEU B 278 -3.56 -20.94 -2.16
CA LEU B 278 -4.29 -21.97 -1.44
C LEU B 278 -5.38 -22.59 -2.30
N PHE B 279 -5.80 -23.80 -1.90
CA PHE B 279 -6.99 -24.43 -2.43
C PHE B 279 -8.12 -24.20 -1.44
N GLN B 280 -9.31 -23.93 -1.97
CA GLN B 280 -10.51 -23.79 -1.13
C GLN B 280 -10.88 -25.12 -0.47
N SER B 281 -10.62 -26.22 -1.19
CA SER B 281 -10.80 -27.56 -0.64
C SER B 281 -9.50 -28.35 -0.70
N PRO B 282 -8.91 -28.65 0.47
CA PRO B 282 -7.67 -29.44 0.58
C PRO B 282 -7.79 -30.83 -0.04
N LEU B 283 -6.73 -31.26 -0.71
CA LEU B 283 -6.72 -32.57 -1.37
C LEU B 283 -5.82 -33.55 -0.63
N PHE B 284 -6.42 -34.63 -0.16
CA PHE B 284 -5.66 -35.69 0.48
C PHE B 284 -4.88 -36.49 -0.56
N ALA B 285 -3.58 -36.63 -0.34
CA ALA B 285 -2.73 -37.39 -1.25
C ALA B 285 -1.77 -38.28 -0.48
N LYS B 286 -1.50 -39.46 -1.04
CA LYS B 286 -0.56 -40.40 -0.45
C LYS B 286 0.81 -40.28 -1.11
N ALA B 287 1.83 -40.75 -0.43
CA ALA B 287 3.15 -40.92 -1.04
C ALA B 287 3.03 -41.91 -2.19
N GLY B 288 3.58 -41.54 -3.35
CA GLY B 288 3.49 -42.36 -4.55
C GLY B 288 2.27 -42.02 -5.39
N ASP B 289 1.32 -41.32 -4.80
CA ASP B 289 0.17 -40.77 -5.53
C ASP B 289 0.60 -39.63 -6.44
N THR B 290 -0.16 -39.42 -7.51
CA THR B 290 0.11 -38.34 -8.44
C THR B 290 -0.95 -37.25 -8.35
N LEU B 291 -0.51 -36.02 -8.07
CA LEU B 291 -1.37 -34.84 -8.11
C LEU B 291 -1.14 -34.11 -9.43
N SER B 292 -2.15 -34.09 -10.28
CA SER B 292 -2.04 -33.43 -11.59
C SER B 292 -3.08 -32.35 -11.78
N GLY B 293 -2.83 -31.51 -12.77
CA GLY B 293 -3.71 -30.39 -13.10
C GLY B 293 -2.90 -29.35 -13.84
N THR B 294 -3.47 -28.16 -13.99
CA THR B 294 -2.76 -27.06 -14.65
C THR B 294 -2.97 -25.75 -13.92
N CYS B 295 -1.93 -24.90 -13.97
CA CYS B 295 -1.97 -23.54 -13.45
C CYS B 295 -2.05 -22.56 -14.61
N LEU B 296 -3.13 -21.80 -14.68
CA LEU B 296 -3.34 -20.81 -15.75
C LEU B 296 -3.20 -19.39 -15.24
N LEU B 297 -2.35 -18.61 -15.90
CA LEU B 297 -2.18 -17.19 -15.56
C LEU B 297 -2.69 -16.30 -16.68
N ILE B 298 -3.88 -15.73 -16.49
CA ILE B 298 -4.44 -14.84 -17.48
C ILE B 298 -4.08 -13.41 -17.13
N ALA B 299 -3.48 -12.68 -18.07
CA ALA B 299 -3.17 -11.27 -17.88
C ALA B 299 -4.47 -10.48 -17.74
N ASN B 300 -4.54 -9.62 -16.71
CA ASN B 300 -5.74 -8.83 -16.44
C ASN B 300 -5.49 -7.32 -16.54
N LYS B 301 -6.57 -6.56 -16.45
CA LYS B 301 -6.56 -5.11 -16.71
C LYS B 301 -5.91 -4.25 -15.62
N ARG B 302 -5.46 -4.88 -14.53
CA ARG B 302 -4.85 -4.15 -13.43
C ARG B 302 -3.35 -4.45 -13.30
N GLN B 303 -2.68 -4.51 -14.45
CA GLN B 303 -1.25 -4.86 -14.53
C GLN B 303 -0.89 -6.09 -13.69
N SER B 304 -1.75 -7.11 -13.71
CA SER B 304 -1.51 -8.32 -12.94
C SER B 304 -2.10 -9.57 -13.59
N TYR B 305 -2.20 -10.64 -12.82
CA TYR B 305 -2.68 -11.92 -13.33
C TYR B 305 -3.86 -12.47 -12.54
N ASP B 306 -4.82 -13.04 -13.29
CA ASP B 306 -5.83 -13.89 -12.71
C ASP B 306 -5.28 -15.31 -12.78
N ILE B 307 -5.18 -15.93 -11.62
CA ILE B 307 -4.51 -17.20 -11.48
C ILE B 307 -5.57 -18.27 -11.30
N SER B 308 -5.56 -19.24 -12.21
CA SER B 308 -6.52 -20.33 -12.20
C SER B 308 -5.76 -21.62 -11.91
N ILE B 309 -6.17 -22.32 -10.85
CA ILE B 309 -5.56 -23.60 -10.51
C ILE B 309 -6.60 -24.70 -10.37
N VAL B 310 -6.44 -25.73 -11.20
CA VAL B 310 -7.22 -26.95 -11.11
C VAL B 310 -6.25 -28.07 -10.77
N ALA B 311 -6.64 -28.93 -9.83
CA ALA B 311 -5.78 -30.02 -9.38
C ALA B 311 -6.58 -31.22 -8.92
N GLN B 312 -6.10 -32.40 -9.27
CA GLN B 312 -6.75 -33.62 -8.83
C GLN B 312 -5.74 -34.68 -8.40
N VAL B 313 -6.12 -35.47 -7.40
CA VAL B 313 -5.36 -36.63 -7.02
C VAL B 313 -5.83 -37.79 -7.89
N ASP B 314 -4.97 -38.19 -8.82
CA ASP B 314 -5.32 -39.18 -9.85
C ASP B 314 -5.97 -40.45 -9.32
N GLN B 315 -5.46 -40.94 -8.19
CA GLN B 315 -5.88 -42.22 -7.61
C GLN B 315 -7.26 -42.18 -6.99
N THR B 316 -7.62 -41.05 -6.38
CA THR B 316 -8.92 -40.90 -5.71
C THR B 316 -9.93 -40.12 -6.54
N GLY B 317 -9.43 -39.19 -7.35
CA GLY B 317 -10.29 -38.37 -8.22
C GLY B 317 -10.94 -37.19 -7.53
N SER B 318 -10.36 -36.76 -6.41
CA SER B 318 -10.79 -35.54 -5.71
C SER B 318 -10.22 -34.31 -6.41
N LYS B 319 -10.90 -33.17 -6.28
CA LYS B 319 -10.77 -32.08 -7.23
C LYS B 319 -10.94 -30.67 -6.62
N SER B 320 -10.18 -29.71 -7.16
CA SER B 320 -10.34 -28.26 -6.96
C SER B 320 -9.31 -27.58 -7.87
N SER B 321 -9.57 -26.44 -8.52
CA SER B 321 -10.82 -25.64 -8.63
C SER B 321 -10.70 -24.25 -7.98
N ASN B 322 -9.60 -23.54 -8.29
CA ASN B 322 -9.23 -22.33 -7.53
C ASN B 322 -8.76 -21.12 -8.34
N LEU B 323 -9.38 -19.98 -8.05
CA LEU B 323 -9.12 -18.73 -8.75
C LEU B 323 -8.54 -17.69 -7.81
N LEU B 324 -7.42 -17.11 -8.21
CA LEU B 324 -6.73 -16.08 -7.43
C LEU B 324 -6.59 -14.80 -8.24
N ASP B 325 -6.36 -13.69 -7.55
CA ASP B 325 -5.94 -12.46 -8.22
C ASP B 325 -4.68 -11.92 -7.56
N LEU B 326 -3.59 -11.97 -8.31
CA LEU B 326 -2.29 -11.51 -7.84
C LEU B 326 -2.25 -10.00 -7.60
N LYS B 327 -3.28 -9.28 -8.04
CA LYS B 327 -3.42 -7.85 -7.78
C LYS B 327 -3.51 -7.56 -6.28
N ASN B 328 -4.18 -8.45 -5.54
CA ASN B 328 -4.36 -8.25 -4.10
C ASN B 328 -3.66 -9.32 -3.25
N PRO B 329 -2.30 -9.29 -3.22
CA PRO B 329 -1.61 -10.33 -2.46
C PRO B 329 -1.70 -10.08 -0.96
N PHE B 330 -1.74 -11.15 -0.18
CA PHE B 330 -1.67 -11.03 1.28
C PHE B 330 -0.21 -11.15 1.73
N PHE B 331 0.25 -10.16 2.47
CA PHE B 331 1.64 -10.17 2.92
C PHE B 331 1.76 -10.82 4.30
N ARG B 332 2.32 -12.03 4.31
CA ARG B 332 2.44 -12.91 5.48
C ARG B 332 1.12 -13.54 5.93
HG HG C . 2.35 18.28 11.59
HG HG D . 8.15 18.72 9.83
HG HG E . 17.60 2.29 -15.11
#